data_7FJA
#
_entry.id   7FJA
#
_cell.length_a   103.097
_cell.length_b   152.187
_cell.length_c   131.738
_cell.angle_alpha   90.000
_cell.angle_beta   90.000
_cell.angle_gamma   90.000
#
_symmetry.space_group_name_H-M   'C 2 2 21'
#
loop_
_entity.id
_entity.type
_entity.pdbx_description
1 polymer 'Probable propionate kinase'
2 non-polymer 'PHOSPHOAMINOPHOSPHONIC ACID-ADENYLATE ESTER'
3 non-polymer 1,2-ETHANEDIOL
4 water water
#
_entity_poly.entity_id   1
_entity_poly.type   'polypeptide(L)'
_entity_poly.pdbx_seq_one_letter_code
;MTYKIMAINAGSSSLKFQLLNMPQGALLCQGLIERIGLPEARFTLKTSAQKWQETLPIADHHEAVTLLLEALTGRGILSS
LQEIDGVGHRVAHGGERFKDAALVCDDTLREIERLAELAPLHNPVNALGIRLFRQLLPAVPAVAVFDTAFHQTLAPEAWL
YPLPWRYYAELGIRRYGFHGTSHHYVSSALAEKLGVPLSALRVVSCHLGNGCSVCAIKGGQSVNTSMGFTPQSGVMMGTR
SGDIDPSILPWLVEKEGKSAQQLSQLLNNESGLLGVSGVSSDYRDVEQAADAGNERAALALSLFAERIRATIGSYIMQMG
GLDALIFTGGIGENSARARAAICRNLHFLGLALDDEKNQRSATFIQADNALVKVAVINTNEELMIARDVMRLALPQAREL
AVSA
;
_entity_poly.pdbx_strand_id   A,B
#
loop_
_chem_comp.id
_chem_comp.type
_chem_comp.name
_chem_comp.formula
ANP non-polymer 'PHOSPHOAMINOPHOSPHONIC ACID-ADENYLATE ESTER' 'C10 H17 N6 O12 P3'
EDO non-polymer 1,2-ETHANEDIOL 'C2 H6 O2'
#
# COMPACT_ATOMS: atom_id res chain seq x y z
N THR A 2 -6.28 -34.94 24.58
CA THR A 2 -7.02 -34.40 23.44
C THR A 2 -8.20 -33.54 23.85
N TYR A 3 -8.30 -32.35 23.26
CA TYR A 3 -9.38 -31.40 23.53
C TYR A 3 -10.15 -31.07 22.25
N LYS A 4 -11.42 -30.73 22.42
CA LYS A 4 -12.29 -30.42 21.29
C LYS A 4 -12.57 -28.91 21.31
N ILE A 5 -12.00 -28.21 20.33
CA ILE A 5 -12.05 -26.75 20.25
C ILE A 5 -12.82 -26.36 19.00
N MET A 6 -13.73 -25.42 19.15
CA MET A 6 -14.58 -24.96 18.06
C MET A 6 -14.13 -23.56 17.68
N ALA A 7 -13.90 -23.34 16.39
CA ALA A 7 -13.54 -22.03 15.89
C ALA A 7 -14.74 -21.48 15.13
N ILE A 8 -15.13 -20.25 15.46
CA ILE A 8 -16.36 -19.66 14.96
C ILE A 8 -16.03 -18.37 14.21
N ASN A 9 -16.79 -18.11 13.16
CA ASN A 9 -16.65 -16.87 12.39
C ASN A 9 -18.06 -16.50 11.93
N ALA A 10 -18.64 -15.49 12.56
CA ALA A 10 -20.01 -15.08 12.26
C ALA A 10 -19.99 -13.83 11.39
N GLY A 11 -20.71 -13.86 10.27
CA GLY A 11 -20.83 -12.73 9.38
C GLY A 11 -22.21 -12.10 9.41
N SER A 12 -22.41 -11.13 8.52
CA SER A 12 -23.69 -10.44 8.52
C SER A 12 -24.84 -11.41 8.30
N SER A 13 -24.68 -12.35 7.37
CA SER A 13 -25.71 -13.34 7.09
C SER A 13 -25.24 -14.78 7.26
N SER A 14 -24.04 -15.01 7.81
CA SER A 14 -23.41 -16.32 7.76
C SER A 14 -22.90 -16.77 9.13
N LEU A 15 -22.50 -18.04 9.19
CA LEU A 15 -21.86 -18.62 10.37
C LEU A 15 -20.98 -19.76 9.88
N LYS A 16 -19.67 -19.54 9.89
CA LYS A 16 -18.69 -20.55 9.59
C LYS A 16 -18.21 -21.17 10.90
N PHE A 17 -17.94 -22.47 10.88
CA PHE A 17 -17.46 -23.13 12.09
C PHE A 17 -16.54 -24.28 11.70
N GLN A 18 -15.58 -24.54 12.57
CA GLN A 18 -14.76 -25.75 12.53
C GLN A 18 -14.60 -26.32 13.93
N LEU A 19 -14.71 -27.63 14.05
CA LEU A 19 -14.43 -28.34 15.29
C LEU A 19 -13.12 -29.09 15.13
N LEU A 20 -12.15 -28.79 15.99
CA LEU A 20 -10.80 -29.33 15.89
C LEU A 20 -10.47 -30.26 17.04
N ASN A 21 -9.77 -31.35 16.73
CA ASN A 21 -9.10 -32.16 17.75
C ASN A 21 -7.74 -31.55 18.05
N MET A 22 -7.54 -31.10 19.27
CA MET A 22 -6.30 -30.46 19.70
C MET A 22 -5.56 -31.33 20.71
N PRO A 23 -4.23 -31.16 20.83
CA PRO A 23 -3.45 -30.15 20.10
C PRO A 23 -2.99 -30.57 18.71
N GLN A 24 -3.42 -31.72 18.22
CA GLN A 24 -2.96 -32.20 16.92
C GLN A 24 -3.58 -31.42 15.77
N GLY A 25 -4.73 -30.78 15.99
CA GLY A 25 -5.35 -29.98 14.97
C GLY A 25 -6.16 -30.72 13.93
N ALA A 26 -6.65 -31.93 14.24
CA ALA A 26 -7.38 -32.71 13.24
C ALA A 26 -8.81 -32.19 13.09
N LEU A 27 -9.27 -32.11 11.84
CA LEU A 27 -10.59 -31.55 11.56
C LEU A 27 -11.66 -32.60 11.81
N LEU A 28 -12.53 -32.35 12.78
CA LEU A 28 -13.67 -33.23 13.04
C LEU A 28 -14.85 -32.88 12.17
N CYS A 29 -15.19 -31.60 12.08
CA CYS A 29 -16.28 -31.19 11.22
C CYS A 29 -16.13 -29.71 10.91
N GLN A 30 -16.79 -29.29 9.85
CA GLN A 30 -16.75 -27.93 9.36
C GLN A 30 -18.04 -27.71 8.61
N GLY A 31 -18.34 -26.46 8.31
CA GLY A 31 -19.57 -26.20 7.59
C GLY A 31 -19.91 -24.72 7.60
N LEU A 32 -21.05 -24.43 6.97
CA LEU A 32 -21.46 -23.05 6.75
C LEU A 32 -22.97 -22.94 6.80
N ILE A 33 -23.46 -21.99 7.59
CA ILE A 33 -24.84 -21.54 7.54
C ILE A 33 -24.82 -20.17 6.87
N GLU A 34 -25.62 -20.01 5.81
CA GLU A 34 -25.60 -18.80 5.01
C GLU A 34 -27.02 -18.30 4.76
N ARG A 35 -27.11 -17.08 4.24
CA ARG A 35 -28.39 -16.44 3.95
C ARG A 35 -29.28 -16.40 5.20
N ILE A 36 -28.66 -16.22 6.35
CA ILE A 36 -29.43 -16.14 7.59
C ILE A 36 -30.42 -14.98 7.47
N GLY A 37 -31.62 -15.18 8.02
CA GLY A 37 -32.66 -14.17 7.95
C GLY A 37 -33.18 -13.88 6.56
N LEU A 38 -32.80 -14.68 5.58
CA LEU A 38 -33.26 -14.51 4.20
C LEU A 38 -33.80 -15.81 3.66
N PRO A 39 -34.54 -15.76 2.55
CA PRO A 39 -34.90 -17.00 1.86
C PRO A 39 -33.69 -17.55 1.13
N GLU A 40 -33.71 -18.87 0.93
CA GLU A 40 -32.56 -19.63 0.44
C GLU A 40 -31.59 -19.90 1.59
N ALA A 41 -31.99 -19.69 2.83
CA ALA A 41 -31.10 -19.97 3.96
C ALA A 41 -30.68 -21.45 3.92
N ARG A 42 -29.37 -21.69 3.86
CA ARG A 42 -28.83 -23.04 3.72
C ARG A 42 -27.82 -23.35 4.82
N PHE A 43 -27.85 -24.61 5.27
CA PHE A 43 -26.98 -25.17 6.30
C PHE A 43 -26.20 -26.32 5.68
N THR A 44 -24.89 -26.16 5.57
CA THR A 44 -23.99 -27.17 5.05
C THR A 44 -23.07 -27.63 6.17
N LEU A 45 -22.91 -28.94 6.31
CA LEU A 45 -22.08 -29.50 7.37
C LEU A 45 -21.36 -30.72 6.82
N LYS A 46 -20.04 -30.77 6.98
CA LYS A 46 -19.22 -31.83 6.43
C LYS A 46 -18.32 -32.41 7.50
N THR A 47 -18.16 -33.73 7.48
CA THR A 47 -17.16 -34.42 8.28
C THR A 47 -16.05 -34.87 7.35
N SER A 48 -15.06 -35.56 7.91
CA SER A 48 -14.04 -36.22 7.11
C SER A 48 -14.67 -37.09 6.04
N ALA A 49 -15.86 -37.64 6.31
CA ALA A 49 -16.43 -38.69 5.48
C ALA A 49 -17.78 -38.38 4.84
N GLN A 50 -18.53 -37.39 5.33
CA GLN A 50 -19.90 -37.21 4.85
C GLN A 50 -20.20 -35.73 4.70
N LYS A 51 -21.22 -35.43 3.92
CA LYS A 51 -21.69 -34.06 3.79
C LYS A 51 -23.21 -34.05 3.91
N TRP A 52 -23.72 -33.04 4.60
CA TRP A 52 -25.16 -32.84 4.68
C TRP A 52 -25.47 -31.39 4.34
N GLN A 53 -26.58 -31.18 3.65
CA GLN A 53 -26.94 -29.86 3.16
C GLN A 53 -28.44 -29.73 3.18
N GLU A 54 -28.95 -28.65 3.75
CA GLU A 54 -30.39 -28.47 3.92
C GLU A 54 -30.76 -27.01 3.75
N THR A 55 -31.63 -26.73 2.79
CA THR A 55 -32.25 -25.42 2.71
C THR A 55 -33.45 -25.38 3.63
N LEU A 56 -33.49 -24.39 4.52
CA LEU A 56 -34.59 -24.27 5.47
C LEU A 56 -34.56 -22.86 6.05
N PRO A 57 -35.69 -22.42 6.60
CA PRO A 57 -35.73 -21.08 7.20
C PRO A 57 -34.84 -21.03 8.44
N ILE A 58 -33.96 -20.03 8.46
CA ILE A 58 -33.15 -19.73 9.65
C ILE A 58 -33.38 -18.25 9.93
N ALA A 59 -34.16 -17.97 10.98
CA ALA A 59 -34.59 -16.60 11.26
C ALA A 59 -33.41 -15.67 11.51
N ASP A 60 -32.59 -15.99 12.50
CA ASP A 60 -31.55 -15.09 12.99
C ASP A 60 -30.32 -15.91 13.36
N HIS A 61 -29.29 -15.25 13.90
CA HIS A 61 -28.10 -16.00 14.31
C HIS A 61 -28.43 -16.90 15.50
N HIS A 62 -29.40 -16.51 16.33
CA HIS A 62 -29.78 -17.37 17.45
C HIS A 62 -30.27 -18.72 16.93
N GLU A 63 -31.07 -18.71 15.85
CA GLU A 63 -31.52 -19.97 15.28
C GLU A 63 -30.38 -20.70 14.58
N ALA A 64 -29.43 -19.96 14.02
CA ALA A 64 -28.29 -20.59 13.36
C ALA A 64 -27.44 -21.37 14.37
N VAL A 65 -27.23 -20.81 15.57
CA VAL A 65 -26.40 -21.50 16.55
C VAL A 65 -27.11 -22.74 17.07
N THR A 66 -28.42 -22.64 17.29
CA THR A 66 -29.18 -23.80 17.78
C THR A 66 -29.12 -24.97 16.81
N LEU A 67 -29.20 -24.70 15.51
CA LEU A 67 -29.10 -25.77 14.52
C LEU A 67 -27.70 -26.39 14.51
N LEU A 68 -26.67 -25.58 14.66
CA LEU A 68 -25.32 -26.11 14.69
C LEU A 68 -25.15 -27.10 15.85
N LEU A 69 -25.44 -26.64 17.08
CA LEU A 69 -25.25 -27.50 18.25
C LEU A 69 -26.09 -28.78 18.15
N GLU A 70 -27.35 -28.67 17.74
CA GLU A 70 -28.19 -29.86 17.59
C GLU A 70 -27.59 -30.85 16.59
N ALA A 71 -26.99 -30.35 15.51
CA ALA A 71 -26.44 -31.24 14.50
C ALA A 71 -25.20 -31.97 15.01
N LEU A 72 -24.39 -31.31 15.85
CA LEU A 72 -23.18 -31.95 16.36
C LEU A 72 -23.51 -33.27 17.07
N THR A 73 -24.60 -33.29 17.82
CA THR A 73 -24.97 -34.56 18.42
C THR A 73 -25.86 -35.39 17.51
N GLY A 74 -26.73 -34.75 16.73
CA GLY A 74 -27.66 -35.49 15.90
C GLY A 74 -27.01 -36.25 14.77
N ARG A 75 -25.81 -35.84 14.37
CA ARG A 75 -25.00 -36.51 13.36
C ARG A 75 -23.91 -37.39 13.97
N GLY A 76 -23.95 -37.61 15.28
CA GLY A 76 -22.99 -38.49 15.93
C GLY A 76 -21.57 -37.96 15.99
N ILE A 77 -21.37 -36.67 15.75
CA ILE A 77 -20.02 -36.09 15.81
C ILE A 77 -19.53 -36.05 17.25
N LEU A 78 -20.38 -35.55 18.15
CA LEU A 78 -20.10 -35.48 19.58
C LEU A 78 -21.07 -36.40 20.30
N SER A 79 -20.60 -37.04 21.37
CA SER A 79 -21.54 -37.74 22.24
C SER A 79 -22.40 -36.79 23.05
N SER A 80 -21.95 -35.54 23.23
CA SER A 80 -22.63 -34.56 24.06
C SER A 80 -21.95 -33.21 23.88
N LEU A 81 -22.69 -32.13 24.15
CA LEU A 81 -22.09 -30.82 23.97
C LEU A 81 -21.09 -30.51 25.07
N GLN A 82 -21.04 -31.29 26.14
CA GLN A 82 -20.08 -31.03 27.19
C GLN A 82 -18.67 -31.45 26.81
N GLU A 83 -18.54 -32.25 25.74
CA GLU A 83 -17.22 -32.55 25.20
C GLU A 83 -16.53 -31.32 24.61
N ILE A 84 -17.27 -30.28 24.23
CA ILE A 84 -16.61 -29.09 23.70
C ILE A 84 -15.82 -28.44 24.83
N ASP A 85 -14.51 -28.31 24.64
CA ASP A 85 -13.66 -27.76 25.69
C ASP A 85 -13.46 -26.25 25.58
N GLY A 86 -13.65 -25.66 24.40
CA GLY A 86 -13.53 -24.22 24.28
C GLY A 86 -13.98 -23.76 22.91
N VAL A 87 -14.29 -22.47 22.81
CA VAL A 87 -14.69 -21.83 21.56
C VAL A 87 -13.81 -20.61 21.34
N GLY A 88 -13.27 -20.47 20.13
CA GLY A 88 -12.61 -19.25 19.70
C GLY A 88 -13.47 -18.54 18.67
N HIS A 89 -13.53 -17.21 18.76
CA HIS A 89 -14.34 -16.39 17.87
C HIS A 89 -13.45 -15.41 17.13
N ARG A 90 -13.61 -15.34 15.81
CA ARG A 90 -12.95 -14.31 15.02
C ARG A 90 -13.62 -12.96 15.27
N VAL A 91 -12.80 -11.95 15.53
CA VAL A 91 -13.29 -10.57 15.66
C VAL A 91 -12.52 -9.69 14.69
N ALA A 92 -13.24 -8.81 13.99
CA ALA A 92 -12.65 -8.06 12.88
C ALA A 92 -11.66 -7.01 13.36
N HIS A 93 -11.98 -6.30 14.45
CA HIS A 93 -11.23 -5.09 14.79
C HIS A 93 -11.06 -4.99 16.30
N GLY A 94 -9.82 -5.08 16.78
CA GLY A 94 -9.56 -4.87 18.17
C GLY A 94 -8.95 -3.52 18.51
N GLY A 95 -8.92 -2.57 17.58
CA GLY A 95 -8.34 -1.26 17.87
C GLY A 95 -6.98 -1.36 18.54
N GLU A 96 -6.67 -0.35 19.36
CA GLU A 96 -5.44 -0.36 20.17
C GLU A 96 -5.62 -1.11 21.49
N ARG A 97 -6.85 -1.39 21.90
CA ARG A 97 -7.07 -2.05 23.17
C ARG A 97 -6.43 -3.44 23.21
N PHE A 98 -6.64 -4.24 22.17
CA PHE A 98 -6.31 -5.66 22.21
C PHE A 98 -5.05 -5.92 21.41
N LYS A 99 -3.95 -6.20 22.11
CA LYS A 99 -2.68 -6.59 21.56
C LYS A 99 -2.54 -8.11 21.44
N ASP A 100 -3.49 -8.85 21.97
CA ASP A 100 -3.45 -10.30 21.91
C ASP A 100 -4.89 -10.79 21.93
N ALA A 101 -5.08 -12.06 21.55
CA ALA A 101 -6.36 -12.73 21.80
C ALA A 101 -6.73 -12.59 23.28
N ALA A 102 -8.02 -12.67 23.59
CA ALA A 102 -8.47 -12.38 24.96
C ALA A 102 -9.54 -13.35 25.43
N LEU A 103 -9.46 -13.73 26.71
CA LEU A 103 -10.53 -14.44 27.38
C LEU A 103 -11.80 -13.58 27.42
N VAL A 104 -12.93 -14.19 27.08
CA VAL A 104 -14.20 -13.48 27.02
C VAL A 104 -14.83 -13.46 28.40
N CYS A 105 -14.81 -12.31 29.04
CA CYS A 105 -15.64 -11.92 30.16
C CYS A 105 -16.60 -10.84 29.65
N ASP A 106 -17.38 -10.25 30.55
CA ASP A 106 -18.46 -9.42 30.03
C ASP A 106 -18.00 -8.03 29.58
N ASP A 107 -16.84 -7.54 30.00
CA ASP A 107 -16.40 -6.23 29.51
C ASP A 107 -15.25 -6.33 28.52
N THR A 108 -14.87 -7.54 28.11
CA THR A 108 -14.26 -7.67 26.80
C THR A 108 -15.32 -7.62 25.70
N LEU A 109 -16.52 -8.14 25.96
CA LEU A 109 -17.63 -7.98 25.02
C LEU A 109 -17.99 -6.52 24.84
N ARG A 110 -18.07 -5.76 25.94
CA ARG A 110 -18.39 -4.35 25.83
C ARG A 110 -17.29 -3.61 25.07
N GLU A 111 -16.03 -3.92 25.38
CA GLU A 111 -14.92 -3.32 24.64
C GLU A 111 -15.06 -3.59 23.14
N ILE A 112 -15.47 -4.81 22.77
CA ILE A 112 -15.63 -5.16 21.35
C ILE A 112 -16.80 -4.39 20.75
N GLU A 113 -17.92 -4.34 21.48
CA GLU A 113 -19.01 -3.46 21.11
C GLU A 113 -18.54 -2.02 20.95
N ARG A 114 -17.74 -1.55 21.91
CA ARG A 114 -17.21 -0.18 21.83
C ARG A 114 -16.54 0.08 20.49
N LEU A 115 -15.78 -0.89 19.99
CA LEU A 115 -15.04 -0.71 18.75
C LEU A 115 -15.91 -0.85 17.50
N ALA A 116 -17.19 -1.21 17.66
CA ALA A 116 -18.12 -1.34 16.55
C ALA A 116 -17.99 -0.18 15.57
N GLU A 117 -17.81 1.04 16.09
CA GLU A 117 -17.66 2.20 15.23
C GLU A 117 -16.59 1.98 14.16
N LEU A 118 -15.58 1.17 14.46
CA LEU A 118 -14.42 1.03 13.58
C LEU A 118 -14.53 -0.12 12.59
N ALA A 119 -15.40 -1.10 12.85
CA ALA A 119 -15.69 -2.15 11.88
C ALA A 119 -17.20 -2.34 11.87
N PRO A 120 -17.93 -1.42 11.23
CA PRO A 120 -19.40 -1.40 11.40
C PRO A 120 -20.08 -2.66 10.89
N LEU A 121 -19.61 -3.25 9.79
CA LEU A 121 -20.28 -4.40 9.21
C LEU A 121 -19.91 -5.73 9.87
N HIS A 122 -18.97 -5.73 10.82
CA HIS A 122 -18.38 -6.98 11.29
C HIS A 122 -18.37 -7.15 12.81
N ASN A 123 -17.79 -6.18 13.53
CA ASN A 123 -17.67 -6.32 14.98
C ASN A 123 -19.00 -6.57 15.69
N PRO A 124 -20.10 -5.89 15.37
CA PRO A 124 -21.36 -6.21 16.08
C PRO A 124 -21.77 -7.68 15.98
N VAL A 125 -21.79 -8.25 14.76
CA VAL A 125 -22.20 -9.65 14.63
C VAL A 125 -21.16 -10.59 15.28
N ASN A 126 -19.87 -10.28 15.15
CA ASN A 126 -18.87 -11.08 15.86
C ASN A 126 -19.19 -11.16 17.35
N ALA A 127 -19.59 -10.02 17.94
CA ALA A 127 -19.94 -10.02 19.36
C ALA A 127 -21.26 -10.76 19.60
N LEU A 128 -22.19 -10.66 18.65
CA LEU A 128 -23.42 -11.42 18.78
C LEU A 128 -23.11 -12.91 18.86
N GLY A 129 -22.18 -13.39 18.03
CA GLY A 129 -21.79 -14.79 18.13
C GLY A 129 -21.29 -15.13 19.51
N ILE A 130 -20.38 -14.31 20.05
CA ILE A 130 -19.88 -14.52 21.40
C ILE A 130 -21.04 -14.59 22.39
N ARG A 131 -22.04 -13.73 22.21
CA ARG A 131 -23.17 -13.69 23.15
C ARG A 131 -23.99 -14.97 23.07
N LEU A 132 -24.41 -15.35 21.86
CA LEU A 132 -25.20 -16.55 21.67
C LEU A 132 -24.51 -17.79 22.25
N PHE A 133 -23.20 -17.95 22.01
CA PHE A 133 -22.54 -19.16 22.48
C PHE A 133 -22.41 -19.17 24.01
N ARG A 134 -22.18 -18.00 24.60
CA ARG A 134 -22.18 -17.93 26.06
C ARG A 134 -23.55 -18.24 26.62
N GLN A 135 -24.61 -17.83 25.91
CA GLN A 135 -25.97 -18.15 26.35
C GLN A 135 -26.26 -19.65 26.21
N LEU A 136 -25.92 -20.23 25.06
CA LEU A 136 -26.26 -21.62 24.76
C LEU A 136 -25.16 -22.61 25.12
N LEU A 137 -23.97 -22.14 25.48
CA LEU A 137 -22.88 -23.01 25.93
C LEU A 137 -22.29 -22.43 27.21
N PRO A 138 -23.11 -22.25 28.24
CA PRO A 138 -22.68 -21.45 29.40
C PRO A 138 -21.41 -21.95 30.06
N ALA A 139 -21.18 -23.25 30.10
CA ALA A 139 -20.02 -23.81 30.80
C ALA A 139 -18.75 -23.87 29.95
N VAL A 140 -18.76 -23.38 28.72
CA VAL A 140 -17.59 -23.52 27.85
C VAL A 140 -16.87 -22.17 27.78
N PRO A 141 -15.59 -22.10 28.09
CA PRO A 141 -14.87 -20.83 27.99
C PRO A 141 -14.66 -20.42 26.54
N ALA A 142 -14.66 -19.11 26.30
CA ALA A 142 -14.56 -18.55 24.96
C ALA A 142 -13.40 -17.57 24.91
N VAL A 143 -12.75 -17.51 23.75
CA VAL A 143 -11.65 -16.58 23.49
C VAL A 143 -11.95 -15.80 22.22
N ALA A 144 -11.70 -14.50 22.27
CA ALA A 144 -11.81 -13.64 21.09
C ALA A 144 -10.44 -13.53 20.44
N VAL A 145 -10.38 -13.70 19.11
CA VAL A 145 -9.13 -13.61 18.36
C VAL A 145 -9.31 -12.47 17.35
N PHE A 146 -8.51 -11.41 17.49
CA PHE A 146 -8.68 -10.17 16.72
C PHE A 146 -7.77 -10.14 15.49
N ASP A 147 -8.37 -9.86 14.32
CA ASP A 147 -7.60 -9.80 13.08
C ASP A 147 -6.56 -8.68 13.06
N THR A 148 -6.66 -7.71 13.97
CA THR A 148 -5.73 -6.60 14.05
C THR A 148 -4.63 -6.80 15.09
N ALA A 149 -4.79 -7.77 16.00
CA ALA A 149 -3.93 -7.80 17.17
C ALA A 149 -2.48 -8.02 16.77
N PHE A 150 -2.21 -8.93 15.81
CA PHE A 150 -0.81 -9.21 15.41
C PHE A 150 -0.08 -7.94 15.00
N HIS A 151 -0.78 -6.95 14.43
CA HIS A 151 -0.12 -5.74 13.94
C HIS A 151 0.04 -4.66 15.00
N GLN A 152 -0.23 -4.97 16.25
CA GLN A 152 -0.13 -3.87 17.19
C GLN A 152 1.31 -3.56 17.59
N THR A 153 2.29 -4.28 17.04
CA THR A 153 3.70 -3.97 17.26
C THR A 153 4.26 -2.95 16.27
N LEU A 154 3.48 -2.51 15.28
CA LEU A 154 3.93 -1.44 14.40
C LEU A 154 4.37 -0.22 15.20
N ALA A 155 5.47 0.40 14.78
CA ALA A 155 5.88 1.63 15.44
C ALA A 155 5.13 2.84 14.86
N PRO A 156 5.15 3.97 15.57
CA PRO A 156 4.38 5.13 15.11
C PRO A 156 4.69 5.55 13.69
N GLU A 157 5.96 5.61 13.31
CA GLU A 157 6.19 6.07 11.95
C GLU A 157 5.71 5.07 10.92
N ALA A 158 5.15 3.93 11.34
CA ALA A 158 4.51 3.03 10.39
C ALA A 158 2.98 3.12 10.40
N TRP A 159 2.35 3.55 11.51
CA TRP A 159 0.89 3.57 11.53
C TRP A 159 0.28 4.95 11.45
N LEU A 160 1.07 6.01 11.62
CA LEU A 160 0.53 7.36 11.54
C LEU A 160 0.41 7.77 10.08
N TYR A 161 -0.79 8.15 9.68
CA TYR A 161 -0.99 8.82 8.40
C TYR A 161 -0.60 10.29 8.49
N PRO A 162 -0.07 10.87 7.40
CA PRO A 162 0.43 12.26 7.45
C PRO A 162 -0.67 13.31 7.41
N LEU A 163 -1.75 13.10 8.18
CA LEU A 163 -2.83 14.07 8.33
C LEU A 163 -2.60 14.93 9.55
N PRO A 164 -3.42 15.95 9.77
CA PRO A 164 -3.31 16.72 11.02
C PRO A 164 -3.32 15.78 12.21
N TRP A 165 -2.54 16.14 13.24
CA TRP A 165 -2.39 15.27 14.39
C TRP A 165 -3.73 14.84 14.97
N ARG A 166 -4.69 15.76 15.03
CA ARG A 166 -5.97 15.46 15.67
C ARG A 166 -6.75 14.36 14.96
N TYR A 167 -6.49 14.09 13.68
CA TYR A 167 -7.22 13.01 13.05
C TYR A 167 -6.88 11.67 13.70
N TYR A 168 -5.71 11.55 14.30
CA TYR A 168 -5.42 10.38 15.11
C TYR A 168 -5.79 10.58 16.59
N ALA A 169 -5.31 11.67 17.19
CA ALA A 169 -5.50 11.90 18.62
C ALA A 169 -6.97 11.96 19.01
N GLU A 170 -7.84 12.43 18.13
CA GLU A 170 -9.26 12.60 18.44
C GLU A 170 -10.17 11.57 17.76
N LEU A 171 -9.89 11.17 16.52
CA LEU A 171 -10.79 10.30 15.79
C LEU A 171 -10.28 8.88 15.61
N GLY A 172 -9.07 8.58 16.09
CA GLY A 172 -8.55 7.23 15.97
C GLY A 172 -8.10 6.80 14.59
N ILE A 173 -7.88 7.73 13.67
CA ILE A 173 -7.48 7.34 12.33
C ILE A 173 -5.99 7.02 12.34
N ARG A 174 -5.65 5.80 11.96
CA ARG A 174 -4.27 5.31 11.90
C ARG A 174 -4.33 3.98 11.17
N ARG A 175 -3.16 3.51 10.75
CA ARG A 175 -3.08 2.18 10.18
C ARG A 175 -3.34 1.15 11.28
N TYR A 176 -4.22 0.19 11.02
CA TYR A 176 -4.39 -0.97 11.89
C TYR A 176 -3.87 -2.25 11.26
N GLY A 177 -4.27 -2.55 10.01
CA GLY A 177 -3.86 -3.77 9.35
C GLY A 177 -4.74 -4.94 9.74
N PHE A 178 -4.80 -5.95 8.86
CA PHE A 178 -5.69 -7.08 9.08
C PHE A 178 -5.01 -8.35 8.58
N HIS A 179 -5.78 -9.43 8.46
CA HIS A 179 -5.20 -10.74 8.21
C HIS A 179 -4.20 -11.10 9.27
N GLY A 180 -4.27 -10.43 10.43
CA GLY A 180 -3.27 -10.65 11.46
C GLY A 180 -3.14 -12.11 11.85
N THR A 181 -4.26 -12.80 11.96
CA THR A 181 -4.24 -14.22 12.37
C THR A 181 -3.56 -15.08 11.30
N SER A 182 -3.74 -14.73 10.02
CA SER A 182 -3.13 -15.49 8.94
C SER A 182 -1.62 -15.26 8.88
N HIS A 183 -1.19 -13.99 8.89
CA HIS A 183 0.24 -13.69 8.84
C HIS A 183 0.96 -14.29 10.04
N HIS A 184 0.32 -14.22 11.20
CA HIS A 184 0.89 -14.84 12.39
C HIS A 184 1.04 -16.34 12.18
N TYR A 185 -0.03 -17.01 11.75
CA TYR A 185 0.04 -18.44 11.54
C TYR A 185 1.12 -18.83 10.52
N VAL A 186 1.16 -18.18 9.34
CA VAL A 186 2.10 -18.74 8.37
C VAL A 186 3.55 -18.42 8.75
N SER A 187 3.81 -17.26 9.38
CA SER A 187 5.19 -16.94 9.70
C SER A 187 5.72 -17.86 10.79
N SER A 188 4.88 -18.20 11.78
CA SER A 188 5.33 -19.19 12.76
C SER A 188 5.47 -20.57 12.13
N ALA A 189 4.60 -20.92 11.17
CA ALA A 189 4.74 -22.21 10.51
C ALA A 189 6.02 -22.25 9.69
N LEU A 190 6.36 -21.15 9.01
CA LEU A 190 7.62 -21.11 8.28
C LEU A 190 8.79 -21.39 9.21
N ALA A 191 8.80 -20.75 10.39
CA ALA A 191 9.94 -20.92 11.29
C ALA A 191 10.07 -22.37 11.75
N GLU A 192 8.95 -23.08 11.92
CA GLU A 192 9.06 -24.47 12.33
C GLU A 192 9.53 -25.36 11.18
N LYS A 193 9.10 -25.05 9.96
CA LYS A 193 9.60 -25.79 8.81
C LYS A 193 11.10 -25.57 8.58
N LEU A 194 11.60 -24.35 8.83
CA LEU A 194 13.04 -24.10 8.70
C LEU A 194 13.83 -24.56 9.93
N GLY A 195 13.15 -24.92 11.02
CA GLY A 195 13.88 -25.26 12.23
C GLY A 195 14.67 -24.14 12.87
N VAL A 196 14.33 -22.89 12.56
CA VAL A 196 14.93 -21.76 13.26
C VAL A 196 13.81 -20.97 13.92
N PRO A 197 14.13 -20.13 14.91
CA PRO A 197 13.10 -19.29 15.52
C PRO A 197 12.82 -18.07 14.66
N LEU A 198 11.58 -17.58 14.76
CA LEU A 198 11.14 -16.45 13.95
C LEU A 198 11.97 -15.20 14.20
N SER A 199 12.43 -15.01 15.44
CA SER A 199 13.20 -13.84 15.82
C SER A 199 14.50 -13.71 15.02
N ALA A 200 14.94 -14.79 14.38
CA ALA A 200 16.17 -14.75 13.59
C ALA A 200 15.95 -14.35 12.12
N LEU A 201 14.71 -14.17 11.68
CA LEU A 201 14.47 -14.00 10.25
C LEU A 201 13.74 -12.69 9.95
N ARG A 202 14.09 -12.10 8.80
CA ARG A 202 13.34 -11.00 8.21
C ARG A 202 12.42 -11.62 7.15
N VAL A 203 11.11 -11.52 7.38
CA VAL A 203 10.13 -12.28 6.62
C VAL A 203 9.15 -11.31 5.99
N VAL A 204 8.82 -11.55 4.72
CA VAL A 204 7.70 -10.87 4.09
C VAL A 204 6.64 -11.92 3.80
N SER A 205 5.41 -11.65 4.21
CA SER A 205 4.30 -12.58 4.12
C SER A 205 3.24 -12.00 3.19
N CYS A 206 2.87 -12.74 2.13
CA CYS A 206 1.83 -12.28 1.21
C CYS A 206 0.62 -13.20 1.30
N HIS A 207 -0.45 -12.69 1.87
CA HIS A 207 -1.72 -13.39 1.94
C HIS A 207 -2.51 -12.93 0.72
N LEU A 208 -2.63 -13.78 -0.28
CA LEU A 208 -3.27 -13.39 -1.54
C LEU A 208 -4.53 -14.24 -1.74
N GLY A 209 -5.68 -13.66 -1.43
CA GLY A 209 -6.96 -14.31 -1.62
C GLY A 209 -7.91 -13.35 -2.31
N ASN A 210 -9.18 -13.38 -1.88
CA ASN A 210 -10.11 -12.37 -2.35
C ASN A 210 -9.72 -11.00 -1.79
N GLY A 211 -9.40 -10.94 -0.50
CA GLY A 211 -8.63 -9.84 0.04
C GLY A 211 -7.16 -10.21 0.06
N CYS A 212 -6.28 -9.22 -0.14
CA CYS A 212 -4.84 -9.44 -0.13
C CYS A 212 -4.15 -8.45 0.79
N SER A 213 -3.10 -8.93 1.47
CA SER A 213 -2.28 -8.00 2.20
C SER A 213 -0.88 -8.57 2.32
N VAL A 214 0.05 -7.67 2.54
CA VAL A 214 1.45 -8.03 2.72
C VAL A 214 1.86 -7.59 4.12
N CYS A 215 2.71 -8.38 4.75
CA CYS A 215 3.13 -8.08 6.11
C CYS A 215 4.63 -8.29 6.23
N ALA A 216 5.30 -7.35 6.88
CA ALA A 216 6.72 -7.48 7.18
C ALA A 216 6.88 -7.92 8.62
N ILE A 217 7.61 -9.01 8.83
CA ILE A 217 7.80 -9.57 10.15
C ILE A 217 9.29 -9.66 10.44
N LYS A 218 9.75 -8.90 11.43
CA LYS A 218 11.16 -8.88 11.80
C LYS A 218 11.26 -9.08 13.29
N GLY A 219 12.13 -10.00 13.70
CA GLY A 219 12.28 -10.31 15.11
C GLY A 219 11.04 -10.91 15.72
N GLY A 220 10.28 -11.68 14.95
CA GLY A 220 9.05 -12.28 15.44
C GLY A 220 7.88 -11.34 15.52
N GLN A 221 8.03 -10.08 15.11
CA GLN A 221 7.00 -9.06 15.28
C GLN A 221 6.64 -8.43 13.96
N SER A 222 5.34 -8.17 13.77
CA SER A 222 4.91 -7.37 12.62
C SER A 222 5.49 -5.95 12.74
N VAL A 223 6.18 -5.49 11.70
CA VAL A 223 6.64 -4.10 11.69
C VAL A 223 6.00 -3.28 10.56
N ASN A 224 5.23 -3.91 9.67
CA ASN A 224 4.40 -3.13 8.76
C ASN A 224 3.45 -4.09 8.07
N THR A 225 2.39 -3.52 7.49
CA THR A 225 1.42 -4.32 6.77
C THR A 225 0.58 -3.39 5.89
N SER A 226 0.03 -3.93 4.81
CA SER A 226 -0.42 -3.07 3.72
C SER A 226 -1.85 -2.56 3.90
N MET A 227 -2.73 -3.33 4.55
CA MET A 227 -4.04 -2.76 4.84
C MET A 227 -3.88 -1.68 5.90
N GLY A 228 -4.83 -0.75 5.93
CA GLY A 228 -4.61 0.40 6.79
C GLY A 228 -5.67 0.62 7.84
N PHE A 229 -6.35 1.76 7.72
CA PHE A 229 -7.49 2.10 8.56
C PHE A 229 -8.62 1.09 8.44
N THR A 230 -8.84 0.56 7.23
CA THR A 230 -9.84 -0.48 7.00
C THR A 230 -9.23 -1.51 6.05
N PRO A 231 -9.90 -2.64 5.79
CA PRO A 231 -9.33 -3.68 4.92
C PRO A 231 -9.43 -3.36 3.44
N GLN A 232 -9.81 -2.14 3.06
CA GLN A 232 -9.91 -1.74 1.66
C GLN A 232 -8.55 -1.40 1.02
N SER A 233 -7.52 -1.06 1.79
CA SER A 233 -6.35 -0.39 1.24
C SER A 233 -5.16 -1.33 1.08
N GLY A 234 -4.06 -0.78 0.55
CA GLY A 234 -2.85 -1.55 0.33
C GLY A 234 -2.77 -2.01 -1.12
N VAL A 235 -2.64 -3.32 -1.36
CA VAL A 235 -2.49 -3.79 -2.75
C VAL A 235 -3.86 -4.02 -3.40
N MET A 236 -3.82 -4.33 -4.70
CA MET A 236 -5.01 -4.56 -5.50
C MET A 236 -5.61 -5.93 -5.14
N MET A 237 -6.94 -6.02 -5.11
CA MET A 237 -7.60 -7.25 -4.70
C MET A 237 -8.71 -7.70 -5.64
N GLY A 238 -9.53 -8.65 -5.19
CA GLY A 238 -10.63 -9.16 -5.98
C GLY A 238 -11.53 -8.05 -6.48
N THR A 239 -12.12 -7.31 -5.54
CA THR A 239 -12.98 -6.17 -5.88
C THR A 239 -12.54 -4.88 -5.20
N ARG A 240 -11.47 -4.91 -4.42
CA ARG A 240 -10.99 -3.73 -3.71
C ARG A 240 -9.83 -3.13 -4.50
N SER A 241 -9.81 -1.79 -4.55
CA SER A 241 -8.78 -1.12 -5.33
C SER A 241 -7.43 -1.10 -4.62
N GLY A 242 -7.41 -1.20 -3.30
CA GLY A 242 -6.17 -0.86 -2.60
C GLY A 242 -5.89 0.64 -2.71
N ASP A 243 -4.61 0.96 -2.51
CA ASP A 243 -4.20 2.36 -2.48
C ASP A 243 -4.37 2.99 -3.86
N ILE A 244 -4.88 4.23 -3.88
CA ILE A 244 -4.96 5.07 -5.08
C ILE A 244 -4.69 6.50 -4.64
N ASP A 245 -4.53 7.39 -5.62
CA ASP A 245 -4.37 8.82 -5.36
C ASP A 245 -5.59 9.34 -4.57
N PRO A 246 -5.40 9.73 -3.30
CA PRO A 246 -6.56 10.22 -2.50
C PRO A 246 -7.30 11.37 -3.15
N SER A 247 -6.61 12.21 -3.94
CA SER A 247 -7.31 13.33 -4.54
C SER A 247 -8.32 12.88 -5.60
N ILE A 248 -8.27 11.62 -6.06
CA ILE A 248 -9.32 11.17 -6.98
C ILE A 248 -10.70 11.22 -6.31
N LEU A 249 -10.78 11.02 -4.98
CA LEU A 249 -12.09 10.93 -4.34
C LEU A 249 -12.82 12.28 -4.30
N PRO A 250 -12.21 13.38 -3.87
CA PRO A 250 -12.93 14.67 -3.95
C PRO A 250 -13.28 15.05 -5.38
N TRP A 251 -12.40 14.70 -6.32
CA TRP A 251 -12.69 14.91 -7.74
C TRP A 251 -13.98 14.20 -8.12
N LEU A 252 -14.09 12.92 -7.77
CA LEU A 252 -15.28 12.15 -8.16
C LEU A 252 -16.55 12.66 -7.50
N VAL A 253 -16.45 13.19 -6.28
CA VAL A 253 -17.65 13.71 -5.63
C VAL A 253 -18.15 14.97 -6.34
N GLU A 254 -17.24 15.92 -6.62
CA GLU A 254 -17.63 17.09 -7.39
C GLU A 254 -18.24 16.68 -8.73
N LYS A 255 -17.65 15.68 -9.36
CA LYS A 255 -17.89 15.36 -10.76
C LYS A 255 -19.11 14.48 -10.95
N GLU A 256 -19.21 13.39 -10.20
CA GLU A 256 -20.31 12.46 -10.33
C GLU A 256 -21.31 12.56 -9.18
N GLY A 257 -21.04 13.40 -8.19
CA GLY A 257 -21.96 13.54 -7.08
C GLY A 257 -22.08 12.31 -6.21
N LYS A 258 -21.03 11.50 -6.15
CA LYS A 258 -21.10 10.26 -5.39
C LYS A 258 -21.19 10.53 -3.89
N SER A 259 -22.11 9.83 -3.22
CA SER A 259 -22.19 9.88 -1.78
C SER A 259 -21.02 9.13 -1.15
N ALA A 260 -20.91 9.25 0.17
CA ALA A 260 -19.87 8.52 0.91
C ALA A 260 -20.07 7.02 0.78
N GLN A 261 -21.31 6.56 0.90
CA GLN A 261 -21.59 5.15 0.76
C GLN A 261 -21.23 4.66 -0.65
N GLN A 262 -21.41 5.51 -1.66
CA GLN A 262 -21.08 5.12 -3.02
C GLN A 262 -19.56 5.12 -3.25
N LEU A 263 -18.84 6.06 -2.63
CA LEU A 263 -17.37 6.03 -2.72
C LEU A 263 -16.82 4.75 -2.13
N SER A 264 -17.34 4.36 -0.96
CA SER A 264 -16.87 3.16 -0.30
C SER A 264 -17.21 1.92 -1.14
N GLN A 265 -18.36 1.94 -1.81
CA GLN A 265 -18.75 0.84 -2.71
C GLN A 265 -17.89 0.83 -3.97
N LEU A 266 -17.57 2.00 -4.51
CA LEU A 266 -16.59 2.06 -5.57
C LEU A 266 -15.29 1.37 -5.16
N LEU A 267 -14.76 1.73 -3.99
CA LEU A 267 -13.44 1.25 -3.58
C LEU A 267 -13.45 -0.22 -3.15
N ASN A 268 -14.56 -0.70 -2.62
CA ASN A 268 -14.59 -2.04 -2.04
C ASN A 268 -15.26 -3.08 -2.92
N ASN A 269 -16.15 -2.70 -3.84
CA ASN A 269 -16.95 -3.70 -4.54
C ASN A 269 -16.88 -3.67 -6.05
N GLU A 270 -16.31 -2.63 -6.65
CA GLU A 270 -16.30 -2.52 -8.10
C GLU A 270 -14.90 -2.39 -8.68
N SER A 271 -13.87 -2.37 -7.85
CA SER A 271 -12.52 -2.11 -8.33
C SER A 271 -11.75 -3.41 -8.43
N GLY A 272 -10.41 -3.35 -8.33
CA GLY A 272 -9.58 -4.55 -8.28
C GLY A 272 -9.62 -5.34 -9.57
N LEU A 273 -9.39 -6.64 -9.45
CA LEU A 273 -9.46 -7.50 -10.64
C LEU A 273 -10.77 -7.28 -11.39
N LEU A 274 -11.90 -7.28 -10.67
CA LEU A 274 -13.19 -7.10 -11.31
C LEU A 274 -13.23 -5.80 -12.10
N GLY A 275 -12.82 -4.69 -11.49
CA GLY A 275 -12.96 -3.41 -12.14
C GLY A 275 -12.05 -3.26 -13.35
N VAL A 276 -10.82 -3.79 -13.26
CA VAL A 276 -9.88 -3.64 -14.36
C VAL A 276 -10.19 -4.63 -15.49
N SER A 277 -10.40 -5.90 -15.16
CA SER A 277 -10.61 -6.90 -16.21
C SER A 277 -11.97 -6.74 -16.88
N GLY A 278 -12.97 -6.27 -16.14
CA GLY A 278 -14.32 -6.33 -16.64
C GLY A 278 -14.88 -7.73 -16.71
N VAL A 279 -14.14 -8.71 -16.22
CA VAL A 279 -14.49 -10.11 -16.38
C VAL A 279 -15.04 -10.64 -15.07
N SER A 280 -14.23 -10.60 -14.01
CA SER A 280 -14.65 -11.27 -12.79
C SER A 280 -13.75 -10.83 -11.66
N SER A 281 -14.20 -11.09 -10.43
CA SER A 281 -13.37 -10.93 -9.25
C SER A 281 -12.50 -12.14 -8.98
N ASP A 282 -12.78 -13.27 -9.64
CA ASP A 282 -12.08 -14.52 -9.36
C ASP A 282 -10.81 -14.61 -10.20
N TYR A 283 -9.67 -14.81 -9.53
CA TYR A 283 -8.38 -14.89 -10.23
C TYR A 283 -8.43 -15.90 -11.37
N ARG A 284 -8.96 -17.09 -11.10
CA ARG A 284 -8.98 -18.14 -12.12
C ARG A 284 -9.80 -17.69 -13.32
N ASP A 285 -10.91 -17.01 -13.09
CA ASP A 285 -11.71 -16.56 -14.22
C ASP A 285 -10.99 -15.49 -15.02
N VAL A 286 -10.31 -14.57 -14.33
CA VAL A 286 -9.61 -13.52 -15.07
C VAL A 286 -8.45 -14.11 -15.86
N GLU A 287 -7.72 -15.05 -15.27
CA GLU A 287 -6.60 -15.67 -15.99
C GLU A 287 -7.10 -16.44 -17.22
N GLN A 288 -8.23 -17.14 -17.07
CA GLN A 288 -8.80 -17.85 -18.21
C GLN A 288 -9.16 -16.88 -19.34
N ALA A 289 -9.80 -15.76 -19.01
CA ALA A 289 -10.11 -14.77 -20.04
C ALA A 289 -8.85 -14.21 -20.68
N ALA A 290 -7.81 -13.99 -19.88
CA ALA A 290 -6.58 -13.39 -20.42
C ALA A 290 -5.91 -14.31 -21.42
N ASP A 291 -5.89 -15.61 -21.14
CA ASP A 291 -5.26 -16.53 -22.08
C ASP A 291 -6.07 -16.68 -23.36
N ALA A 292 -7.36 -16.36 -23.32
CA ALA A 292 -8.17 -16.28 -24.54
C ALA A 292 -8.01 -14.95 -25.25
N GLY A 293 -7.10 -14.08 -24.78
CA GLY A 293 -6.78 -12.88 -25.50
C GLY A 293 -7.49 -11.61 -25.07
N ASN A 294 -8.15 -11.61 -23.91
CA ASN A 294 -8.73 -10.38 -23.37
C ASN A 294 -7.62 -9.52 -22.78
N GLU A 295 -7.33 -8.37 -23.41
CA GLU A 295 -6.18 -7.57 -23.01
C GLU A 295 -6.41 -6.89 -21.67
N ARG A 296 -7.64 -6.48 -21.38
CA ARG A 296 -7.91 -5.92 -20.06
C ARG A 296 -7.65 -6.95 -18.98
N ALA A 297 -8.08 -8.20 -19.21
CA ALA A 297 -7.84 -9.26 -18.23
C ALA A 297 -6.34 -9.46 -18.00
N ALA A 298 -5.55 -9.55 -19.08
CA ALA A 298 -4.11 -9.69 -18.91
C ALA A 298 -3.52 -8.48 -18.18
N LEU A 299 -3.97 -7.27 -18.51
CA LEU A 299 -3.49 -6.10 -17.79
C LEU A 299 -3.80 -6.21 -16.30
N ALA A 300 -5.03 -6.62 -15.98
CA ALA A 300 -5.44 -6.80 -14.60
C ALA A 300 -4.47 -7.71 -13.85
N LEU A 301 -4.10 -8.84 -14.46
CA LEU A 301 -3.21 -9.79 -13.77
C LEU A 301 -1.83 -9.17 -13.58
N SER A 302 -1.37 -8.39 -14.55
CA SER A 302 -0.05 -7.78 -14.47
C SER A 302 0.00 -6.69 -13.42
N LEU A 303 -1.03 -5.83 -13.39
CA LEU A 303 -1.11 -4.78 -12.36
C LEU A 303 -1.20 -5.39 -10.95
N PHE A 304 -1.98 -6.48 -10.82
CA PHE A 304 -2.05 -7.21 -9.56
C PHE A 304 -0.66 -7.56 -9.05
N ALA A 305 0.17 -8.13 -9.93
CA ALA A 305 1.52 -8.56 -9.50
C ALA A 305 2.40 -7.36 -9.19
N GLU A 306 2.27 -6.27 -9.96
CA GLU A 306 3.12 -5.10 -9.74
C GLU A 306 2.81 -4.42 -8.42
N ARG A 307 1.53 -4.39 -8.02
CA ARG A 307 1.22 -3.73 -6.75
C ARG A 307 1.82 -4.51 -5.58
N ILE A 308 1.77 -5.84 -5.66
CA ILE A 308 2.37 -6.65 -4.60
C ILE A 308 3.88 -6.45 -4.59
N ARG A 309 4.51 -6.45 -5.78
CA ARG A 309 5.96 -6.23 -5.85
C ARG A 309 6.37 -4.90 -5.23
N ALA A 310 5.62 -3.84 -5.53
CA ALA A 310 5.94 -2.54 -4.96
C ALA A 310 5.88 -2.57 -3.43
N THR A 311 4.89 -3.27 -2.87
CA THR A 311 4.76 -3.33 -1.42
C THR A 311 5.87 -4.18 -0.81
N ILE A 312 6.15 -5.36 -1.37
CA ILE A 312 7.31 -6.14 -0.92
C ILE A 312 8.56 -5.28 -0.91
N GLY A 313 8.76 -4.50 -1.98
CA GLY A 313 9.96 -3.69 -2.07
C GLY A 313 10.06 -2.69 -0.95
N SER A 314 8.95 -2.03 -0.62
CA SER A 314 8.94 -1.12 0.53
C SER A 314 9.36 -1.83 1.82
N TYR A 315 8.88 -3.07 2.03
CA TYR A 315 9.14 -3.69 3.32
C TYR A 315 10.54 -4.28 3.40
N ILE A 316 11.09 -4.75 2.28
CA ILE A 316 12.48 -5.18 2.31
C ILE A 316 13.38 -4.01 2.68
N MET A 317 13.10 -2.84 2.11
CA MET A 317 13.88 -1.65 2.43
C MET A 317 13.82 -1.35 3.92
N GLN A 318 12.61 -1.40 4.49
CA GLN A 318 12.42 -1.07 5.90
C GLN A 318 13.15 -2.05 6.82
N MET A 319 13.23 -3.32 6.43
CA MET A 319 13.92 -4.28 7.28
C MET A 319 15.43 -4.37 7.01
N GLY A 320 15.93 -3.74 5.94
CA GLY A 320 17.35 -3.88 5.65
C GLY A 320 17.74 -5.18 4.97
N GLY A 321 16.81 -5.83 4.26
CA GLY A 321 17.04 -7.10 3.61
C GLY A 321 15.89 -8.05 3.85
N LEU A 322 16.08 -9.31 3.43
CA LEU A 322 15.01 -10.29 3.39
C LEU A 322 15.66 -11.67 3.57
N ASP A 323 15.12 -12.47 4.47
CA ASP A 323 15.52 -13.87 4.54
C ASP A 323 14.47 -14.83 3.99
N ALA A 324 13.19 -14.47 3.97
CA ALA A 324 12.18 -15.41 3.50
C ALA A 324 10.98 -14.65 2.98
N LEU A 325 10.35 -15.22 1.96
CA LEU A 325 9.11 -14.69 1.41
C LEU A 325 8.08 -15.82 1.47
N ILE A 326 6.89 -15.51 1.98
CA ILE A 326 5.83 -16.50 2.16
C ILE A 326 4.66 -16.14 1.26
N PHE A 327 4.15 -17.14 0.54
CA PHE A 327 2.89 -17.01 -0.21
C PHE A 327 1.81 -17.86 0.44
N THR A 328 0.61 -17.30 0.56
CA THR A 328 -0.49 -18.04 1.13
C THR A 328 -1.79 -17.44 0.60
N GLY A 329 -2.92 -18.03 1.03
CA GLY A 329 -4.22 -17.66 0.55
C GLY A 329 -4.56 -18.40 -0.74
N GLY A 330 -5.81 -18.22 -1.18
CA GLY A 330 -6.28 -18.95 -2.35
C GLY A 330 -5.40 -18.77 -3.58
N ILE A 331 -4.93 -17.54 -3.83
CA ILE A 331 -4.06 -17.30 -4.98
C ILE A 331 -2.62 -17.70 -4.67
N GLY A 332 -2.09 -17.24 -3.53
CA GLY A 332 -0.68 -17.49 -3.22
C GLY A 332 -0.36 -18.96 -3.10
N GLU A 333 -1.31 -19.77 -2.63
CA GLU A 333 -1.07 -21.19 -2.42
C GLU A 333 -1.12 -21.98 -3.72
N ASN A 334 -1.90 -21.51 -4.71
CA ASN A 334 -2.18 -22.33 -5.89
C ASN A 334 -1.65 -21.79 -7.22
N SER A 335 -1.36 -20.48 -7.35
CA SER A 335 -0.97 -19.88 -8.62
C SER A 335 0.55 -19.80 -8.76
N ALA A 336 1.14 -20.85 -9.36
CA ALA A 336 2.55 -20.80 -9.73
C ALA A 336 2.84 -19.61 -10.64
N ARG A 337 1.88 -19.26 -11.51
CA ARG A 337 2.10 -18.16 -12.44
C ARG A 337 2.14 -16.82 -11.71
N ALA A 338 1.19 -16.58 -10.80
CA ALA A 338 1.27 -15.36 -10.02
C ALA A 338 2.59 -15.28 -9.25
N ARG A 339 2.96 -16.39 -8.60
CA ARG A 339 4.20 -16.36 -7.83
C ARG A 339 5.40 -16.07 -8.72
N ALA A 340 5.43 -16.66 -9.92
CA ALA A 340 6.54 -16.42 -10.83
C ALA A 340 6.58 -14.97 -11.26
N ALA A 341 5.43 -14.37 -11.56
CA ALA A 341 5.47 -12.98 -12.00
C ALA A 341 5.92 -12.08 -10.85
N ILE A 342 5.47 -12.37 -9.63
CA ILE A 342 5.87 -11.56 -8.49
C ILE A 342 7.37 -11.68 -8.20
N CYS A 343 7.97 -12.85 -8.44
CA CYS A 343 9.36 -13.09 -8.05
C CYS A 343 10.38 -12.85 -9.15
N ARG A 344 9.97 -12.38 -10.32
CA ARG A 344 10.91 -12.27 -11.43
C ARG A 344 11.94 -11.17 -11.19
N ASN A 345 13.13 -11.36 -11.75
CA ASN A 345 14.17 -10.34 -11.81
C ASN A 345 14.51 -9.79 -10.43
N LEU A 346 14.62 -10.68 -9.42
CA LEU A 346 15.02 -10.26 -8.08
C LEU A 346 16.45 -10.72 -7.73
N HIS A 347 17.31 -10.84 -8.74
CA HIS A 347 18.71 -11.18 -8.46
C HIS A 347 19.37 -10.21 -7.50
N PHE A 348 18.90 -8.95 -7.44
CA PHE A 348 19.58 -8.03 -6.51
C PHE A 348 19.40 -8.42 -5.05
N LEU A 349 18.42 -9.28 -4.74
CA LEU A 349 18.18 -9.80 -3.40
C LEU A 349 18.71 -11.21 -3.22
N GLY A 350 19.20 -11.86 -4.28
CA GLY A 350 19.52 -13.27 -4.19
C GLY A 350 18.30 -14.16 -4.23
N LEU A 351 17.24 -13.72 -4.91
CA LEU A 351 15.94 -14.38 -4.90
C LEU A 351 15.60 -14.84 -6.31
N ALA A 352 15.44 -16.15 -6.48
CA ALA A 352 15.02 -16.76 -7.73
C ALA A 352 14.27 -18.05 -7.39
N LEU A 353 13.35 -18.45 -8.28
CA LEU A 353 12.49 -19.61 -8.09
C LEU A 353 13.03 -20.82 -8.84
N ASP A 354 12.76 -21.99 -8.29
CA ASP A 354 12.96 -23.25 -8.99
C ASP A 354 11.66 -23.60 -9.73
N ASP A 355 11.71 -23.57 -11.06
CA ASP A 355 10.48 -23.71 -11.84
C ASP A 355 9.75 -25.02 -11.54
N GLU A 356 10.46 -26.16 -11.58
CA GLU A 356 9.81 -27.44 -11.31
C GLU A 356 9.09 -27.42 -9.95
N LYS A 357 9.78 -26.93 -8.91
CA LYS A 357 9.15 -26.88 -7.59
C LYS A 357 7.96 -25.93 -7.58
N ASN A 358 8.08 -24.76 -8.21
CA ASN A 358 6.97 -23.81 -8.23
C ASN A 358 5.74 -24.39 -8.94
N GLN A 359 5.94 -25.15 -10.02
CA GLN A 359 4.81 -25.66 -10.79
C GLN A 359 3.94 -26.62 -9.99
N ARG A 360 4.54 -27.40 -9.08
CA ARG A 360 3.78 -28.29 -8.21
C ARG A 360 3.53 -27.69 -6.81
N SER A 361 3.75 -26.39 -6.64
CA SER A 361 3.53 -25.74 -5.33
C SER A 361 4.13 -26.56 -4.17
N ALA A 362 5.40 -26.92 -4.31
CA ALA A 362 6.13 -27.50 -3.18
C ALA A 362 6.22 -26.48 -2.05
N THR A 363 6.56 -26.97 -0.84
CA THR A 363 6.63 -26.09 0.32
C THR A 363 7.66 -24.99 0.11
N PHE A 364 8.86 -25.36 -0.33
CA PHE A 364 9.91 -24.41 -0.68
C PHE A 364 10.15 -24.43 -2.18
N ILE A 365 10.15 -23.24 -2.79
CA ILE A 365 10.21 -23.11 -4.23
C ILE A 365 11.37 -22.25 -4.71
N GLN A 366 12.22 -21.75 -3.81
CA GLN A 366 13.36 -20.98 -4.27
C GLN A 366 14.30 -21.90 -5.02
N ALA A 367 15.15 -21.29 -5.86
CA ALA A 367 16.15 -22.02 -6.61
C ALA A 367 17.31 -22.50 -5.73
N ASP A 368 18.08 -23.46 -6.25
CA ASP A 368 19.16 -24.09 -5.49
C ASP A 368 20.10 -23.08 -4.86
N ASN A 369 20.53 -22.07 -5.63
CA ASN A 369 21.55 -21.15 -5.13
C ASN A 369 20.96 -19.85 -4.59
N ALA A 370 19.67 -19.78 -4.35
CA ALA A 370 19.06 -18.54 -3.86
C ALA A 370 19.43 -18.32 -2.40
N LEU A 371 19.65 -17.05 -2.03
CA LEU A 371 19.84 -16.76 -0.61
C LEU A 371 18.53 -16.64 0.14
N VAL A 372 17.43 -16.35 -0.54
CA VAL A 372 16.14 -16.12 0.11
C VAL A 372 15.31 -17.38 0.02
N LYS A 373 14.73 -17.81 1.14
CA LYS A 373 13.77 -18.91 1.15
C LYS A 373 12.41 -18.41 0.69
N VAL A 374 11.76 -19.14 -0.21
CA VAL A 374 10.43 -18.78 -0.68
C VAL A 374 9.50 -19.94 -0.42
N ALA A 375 8.51 -19.71 0.45
CA ALA A 375 7.64 -20.77 0.95
C ALA A 375 6.22 -20.56 0.43
N VAL A 376 5.59 -21.69 0.13
CA VAL A 376 4.16 -21.77 -0.16
C VAL A 376 3.56 -22.52 1.01
N ILE A 377 2.78 -21.82 1.82
CA ILE A 377 2.23 -22.37 3.06
C ILE A 377 0.72 -22.19 3.07
N ASN A 378 0.00 -23.26 3.30
CA ASN A 378 -1.45 -23.14 3.40
C ASN A 378 -1.82 -22.47 4.71
N THR A 379 -2.58 -21.39 4.63
CA THR A 379 -2.98 -20.74 5.86
C THR A 379 -4.14 -21.53 6.48
N ASN A 380 -4.21 -21.48 7.80
CA ASN A 380 -5.17 -22.24 8.57
C ASN A 380 -5.50 -21.35 9.76
N GLU A 381 -6.38 -20.38 9.52
CA GLU A 381 -6.70 -19.42 10.59
C GLU A 381 -7.47 -20.10 11.73
N GLU A 382 -8.34 -21.06 11.42
CA GLU A 382 -9.07 -21.71 12.49
C GLU A 382 -8.14 -22.47 13.40
N LEU A 383 -7.12 -23.12 12.83
CA LEU A 383 -6.13 -23.80 13.68
C LEU A 383 -5.42 -22.80 14.57
N MET A 384 -5.08 -21.65 14.04
CA MET A 384 -4.44 -20.60 14.83
C MET A 384 -5.38 -20.12 15.93
N ILE A 385 -6.68 -20.04 15.64
CA ILE A 385 -7.64 -19.66 16.68
C ILE A 385 -7.71 -20.74 17.77
N ALA A 386 -7.75 -22.02 17.37
CA ALA A 386 -7.88 -23.08 18.36
C ALA A 386 -6.67 -23.08 19.30
N ARG A 387 -5.48 -22.77 18.77
CA ARG A 387 -4.27 -22.66 19.61
C ARG A 387 -4.34 -21.47 20.54
N ASP A 388 -4.96 -20.36 20.12
CA ASP A 388 -5.19 -19.26 21.06
C ASP A 388 -6.18 -19.67 22.15
N VAL A 389 -7.18 -20.47 21.81
CA VAL A 389 -8.10 -20.97 22.84
C VAL A 389 -7.34 -21.84 23.85
N MET A 390 -6.53 -22.78 23.36
CA MET A 390 -5.77 -23.63 24.26
C MET A 390 -4.89 -22.78 25.17
N ARG A 391 -4.18 -21.82 24.58
CA ARG A 391 -3.23 -21.01 25.35
C ARG A 391 -3.92 -20.21 26.47
N LEU A 392 -5.06 -19.58 26.18
CA LEU A 392 -5.69 -18.66 27.14
C LEU A 392 -6.85 -19.26 27.94
N ALA A 393 -7.51 -20.30 27.44
CA ALA A 393 -8.61 -20.89 28.19
C ALA A 393 -8.27 -22.19 28.89
N LEU A 394 -7.26 -22.92 28.40
CA LEU A 394 -6.91 -24.24 28.94
C LEU A 394 -5.41 -24.31 29.18
N PRO A 395 -4.88 -23.47 30.06
CA PRO A 395 -3.41 -23.30 30.15
C PRO A 395 -2.63 -24.52 30.64
N GLN A 396 -3.25 -25.69 30.78
CA GLN A 396 -2.47 -26.88 31.12
C GLN A 396 -2.23 -27.78 29.90
N TYR B 3 21.30 31.91 -28.23
CA TYR B 3 22.28 32.66 -27.46
C TYR B 3 21.65 33.48 -26.34
N LYS B 4 20.38 33.85 -26.52
CA LYS B 4 19.63 34.68 -25.57
C LYS B 4 18.27 34.02 -25.35
N ILE B 5 18.14 33.25 -24.28
CA ILE B 5 16.94 32.44 -24.03
C ILE B 5 16.33 32.86 -22.70
N MET B 6 15.04 33.12 -22.71
CA MET B 6 14.30 33.51 -21.50
C MET B 6 13.44 32.34 -21.03
N ALA B 7 13.41 32.13 -19.71
CA ALA B 7 12.61 31.08 -19.10
C ALA B 7 11.51 31.73 -18.27
N ILE B 8 10.26 31.41 -18.60
CA ILE B 8 9.09 32.04 -18.00
C ILE B 8 8.37 31.03 -17.13
N ASN B 9 7.84 31.51 -16.01
CA ASN B 9 6.99 30.71 -15.13
C ASN B 9 5.94 31.66 -14.56
N ALA B 10 4.72 31.56 -15.07
CA ALA B 10 3.64 32.46 -14.64
C ALA B 10 2.64 31.76 -13.72
N SER B 13 -0.72 34.58 -9.19
CA SER B 13 -0.47 36.00 -8.99
C SER B 13 1.01 36.31 -9.11
N SER B 14 1.71 35.53 -9.94
CA SER B 14 3.17 35.56 -10.02
C SER B 14 3.62 35.67 -11.48
N LEU B 15 4.90 36.02 -11.65
CA LEU B 15 5.57 35.89 -12.95
C LEU B 15 7.08 35.85 -12.66
N LYS B 16 7.66 34.65 -12.65
CA LYS B 16 9.10 34.49 -12.48
C LYS B 16 9.76 34.39 -13.85
N PHE B 17 10.97 34.96 -13.96
CA PHE B 17 11.69 34.96 -15.22
C PHE B 17 13.16 34.66 -14.97
N GLN B 18 13.87 34.40 -16.06
CA GLN B 18 15.30 34.14 -16.05
C GLN B 18 15.77 34.20 -17.50
N LEU B 19 16.90 34.86 -17.74
CA LEU B 19 17.50 34.88 -19.06
C LEU B 19 18.93 34.41 -18.96
N LEU B 20 19.29 33.50 -19.87
CA LEU B 20 20.61 32.90 -19.89
C LEU B 20 21.20 33.03 -21.29
N ASN B 21 22.52 33.12 -21.35
CA ASN B 21 23.22 32.90 -22.60
C ASN B 21 23.56 31.42 -22.69
N MET B 22 23.15 30.80 -23.78
CA MET B 22 23.43 29.40 -24.01
C MET B 22 24.61 29.23 -24.94
N PRO B 23 25.29 28.08 -24.88
CA PRO B 23 24.89 26.98 -24.00
C PRO B 23 25.57 26.98 -22.63
N GLN B 24 26.54 27.88 -22.42
CA GLN B 24 27.22 27.94 -21.13
C GLN B 24 26.25 28.08 -19.97
N GLY B 25 25.04 28.59 -20.23
CA GLY B 25 24.03 28.69 -19.18
C GLY B 25 24.30 29.75 -18.14
N ALA B 26 25.01 30.82 -18.50
CA ALA B 26 25.36 31.86 -17.53
C ALA B 26 24.13 32.70 -17.14
N GLU B 63 1.41 43.16 -20.08
CA GLU B 63 0.75 43.49 -18.82
C GLU B 63 1.76 43.50 -17.69
N ALA B 64 1.79 42.39 -16.95
CA ALA B 64 2.78 42.21 -15.91
C ALA B 64 4.19 42.01 -16.47
N VAL B 65 4.32 41.69 -17.75
CA VAL B 65 5.65 41.54 -18.35
C VAL B 65 6.15 42.82 -19.01
N THR B 66 5.28 43.82 -19.18
CA THR B 66 5.74 45.14 -19.61
C THR B 66 6.57 45.77 -18.49
N GLY B 86 14.61 33.14 -28.48
CA GLY B 86 13.57 32.23 -28.04
C GLY B 86 13.18 32.26 -26.57
N VAL B 87 11.95 31.83 -26.28
CA VAL B 87 11.42 31.79 -24.91
C VAL B 87 10.81 30.42 -24.62
N GLY B 88 10.97 29.98 -23.37
CA GLY B 88 10.43 28.71 -22.89
C GLY B 88 9.48 28.89 -21.70
N HIS B 89 8.33 28.22 -21.77
CA HIS B 89 7.22 28.46 -20.85
C HIS B 89 6.95 27.21 -20.03
N ARG B 90 7.05 27.34 -18.69
CA ARG B 90 6.62 26.27 -17.80
C ARG B 90 5.12 26.05 -17.98
N VAL B 91 4.72 24.80 -18.19
CA VAL B 91 3.31 24.42 -18.22
C VAL B 91 3.12 23.26 -17.26
N ALA B 92 2.04 23.30 -16.48
CA ALA B 92 1.89 22.38 -15.36
C ALA B 92 1.50 20.98 -15.83
N HIS B 93 0.55 20.89 -16.76
CA HIS B 93 -0.03 19.61 -17.14
C HIS B 93 -0.07 19.47 -18.65
N GLY B 94 0.54 18.40 -19.16
CA GLY B 94 0.53 18.17 -20.59
C GLY B 94 -0.34 16.99 -20.98
N GLY B 95 -1.00 16.39 -19.99
CA GLY B 95 -1.87 15.26 -20.21
C GLY B 95 -1.15 14.14 -20.95
N GLU B 96 -1.93 13.42 -21.76
CA GLU B 96 -1.38 12.31 -22.52
C GLU B 96 -0.86 12.70 -23.90
N ARG B 97 -1.17 13.90 -24.42
CA ARG B 97 -0.80 14.16 -25.80
C ARG B 97 0.58 14.79 -25.95
N PHE B 98 1.20 15.27 -24.88
CA PHE B 98 2.53 15.87 -25.00
C PHE B 98 3.52 14.95 -24.31
N LYS B 99 4.29 14.21 -25.12
CA LYS B 99 5.37 13.36 -24.64
C LYS B 99 6.69 14.12 -24.57
N ASP B 100 6.69 15.38 -24.94
CA ASP B 100 7.94 16.14 -24.98
C ASP B 100 7.58 17.63 -24.99
N ALA B 101 8.60 18.46 -24.80
CA ALA B 101 8.45 19.89 -25.05
C ALA B 101 7.86 20.09 -26.46
N ALA B 102 7.27 21.26 -26.73
CA ALA B 102 6.57 21.48 -27.99
C ALA B 102 6.68 22.94 -28.43
N LEU B 103 7.20 23.15 -29.63
CA LEU B 103 7.11 24.45 -30.30
C LEU B 103 5.67 24.92 -30.27
N VAL B 104 5.47 26.19 -29.91
CA VAL B 104 4.10 26.67 -29.71
C VAL B 104 3.57 27.30 -30.98
N CYS B 105 2.26 27.17 -31.17
CA CYS B 105 1.61 27.54 -32.41
C CYS B 105 0.12 27.81 -32.21
N THR B 108 -0.93 24.03 -30.57
CA THR B 108 -0.48 23.55 -29.26
C THR B 108 -1.12 24.36 -28.13
N LEU B 109 -1.28 25.66 -28.35
CA LEU B 109 -1.75 26.55 -27.29
C LEU B 109 -3.19 26.27 -26.92
N ARG B 110 -4.06 26.03 -27.91
CA ARG B 110 -5.43 25.77 -27.52
C ARG B 110 -5.70 24.31 -27.21
N GLU B 111 -4.73 23.40 -27.43
CA GLU B 111 -4.83 22.11 -26.75
C GLU B 111 -4.24 22.17 -25.34
N ILE B 112 -3.28 23.07 -25.11
CA ILE B 112 -2.85 23.32 -23.73
C ILE B 112 -4.04 23.74 -22.88
N GLU B 113 -4.81 24.72 -23.38
CA GLU B 113 -5.93 25.25 -22.60
C GLU B 113 -7.07 24.24 -22.49
N ARG B 114 -7.20 23.34 -23.46
CA ARG B 114 -8.15 22.23 -23.30
C ARG B 114 -7.82 21.38 -22.09
N LEU B 115 -6.56 21.34 -21.67
CA LEU B 115 -6.17 20.52 -20.55
C LEU B 115 -6.36 21.23 -19.21
N ALA B 116 -6.83 22.49 -19.25
CA ALA B 116 -7.14 23.20 -18.01
C ALA B 116 -8.07 22.39 -17.12
N GLU B 117 -8.86 21.49 -17.71
CA GLU B 117 -9.74 20.65 -16.91
C GLU B 117 -8.97 19.92 -15.82
N LEU B 118 -7.74 19.50 -16.12
CA LEU B 118 -6.96 18.67 -15.21
C LEU B 118 -5.94 19.46 -14.38
N ALA B 119 -5.62 20.70 -14.76
CA ALA B 119 -4.76 21.58 -13.97
C ALA B 119 -5.36 22.99 -13.93
N PRO B 120 -6.53 23.14 -13.29
CA PRO B 120 -7.26 24.42 -13.42
C PRO B 120 -6.52 25.59 -12.78
N LEU B 121 -5.77 25.36 -11.71
CA LEU B 121 -5.12 26.43 -10.99
C LEU B 121 -3.89 26.97 -11.71
N HIS B 122 -3.28 26.17 -12.59
CA HIS B 122 -1.99 26.51 -13.15
C HIS B 122 -2.00 26.66 -14.67
N ASN B 123 -2.62 25.72 -15.39
CA ASN B 123 -2.48 25.71 -16.84
C ASN B 123 -3.03 26.97 -17.50
N PRO B 124 -4.27 27.40 -17.23
CA PRO B 124 -4.78 28.61 -17.92
C PRO B 124 -3.84 29.81 -17.83
N VAL B 125 -3.24 30.05 -16.69
CA VAL B 125 -2.31 31.17 -16.56
C VAL B 125 -1.08 30.91 -17.44
N ARG B 131 0.60 33.47 -24.57
CA ARG B 131 -0.02 34.41 -25.50
C ARG B 131 0.49 35.84 -25.33
N LEU B 132 0.59 36.29 -24.07
CA LEU B 132 1.14 37.61 -23.77
C LEU B 132 2.50 37.83 -24.43
N PHE B 133 3.28 36.76 -24.61
CA PHE B 133 4.63 36.86 -25.13
C PHE B 133 4.66 36.70 -26.65
N PRO B 141 10.39 32.87 -31.38
CA PRO B 141 10.04 31.44 -31.25
C PRO B 141 9.89 31.00 -29.78
N ALA B 142 8.82 30.28 -29.46
CA ALA B 142 8.58 29.86 -28.08
C ALA B 142 8.38 28.34 -28.03
N VAL B 143 8.61 27.79 -26.84
CA VAL B 143 8.43 26.36 -26.58
C VAL B 143 7.79 26.18 -25.21
N ALA B 144 6.82 25.27 -25.13
CA ALA B 144 6.17 24.93 -23.87
C ALA B 144 6.82 23.69 -23.29
N VAL B 145 7.17 23.75 -22.01
CA VAL B 145 7.78 22.64 -21.29
C VAL B 145 6.79 22.14 -20.23
N PHE B 146 6.46 20.86 -20.29
CA PHE B 146 5.40 20.29 -19.49
C PHE B 146 5.98 19.48 -18.34
N ASP B 147 5.57 19.81 -17.12
CA ASP B 147 6.08 19.10 -15.95
C ASP B 147 5.65 17.65 -15.93
N THR B 148 4.71 17.28 -16.77
CA THR B 148 4.25 15.90 -16.88
C THR B 148 4.98 15.11 -17.95
N ALA B 149 5.64 15.80 -18.91
CA ALA B 149 6.09 15.16 -20.16
C ALA B 149 7.12 14.06 -19.91
N PHE B 150 8.05 14.31 -18.99
CA PHE B 150 9.07 13.30 -18.71
C PHE B 150 8.45 11.96 -18.34
N HIS B 151 7.27 11.97 -17.73
CA HIS B 151 6.70 10.74 -17.17
C HIS B 151 5.82 9.99 -18.14
N GLN B 152 5.68 10.47 -19.38
CA GLN B 152 4.82 9.80 -20.34
C GLN B 152 5.40 8.49 -20.87
N THR B 153 6.58 8.05 -20.43
CA THR B 153 7.08 6.73 -20.78
C THR B 153 6.67 5.65 -19.78
N LEU B 154 5.90 5.99 -18.75
CA LEU B 154 5.43 4.96 -17.82
C LEU B 154 4.59 3.92 -18.57
N ALA B 155 4.79 2.65 -18.22
CA ALA B 155 3.93 1.59 -18.75
C ALA B 155 2.61 1.54 -17.99
N PRO B 156 1.58 0.90 -18.57
CA PRO B 156 0.24 0.90 -17.93
C PRO B 156 0.21 0.33 -16.52
N GLU B 157 1.05 -0.65 -16.21
CA GLU B 157 1.10 -1.15 -14.85
C GLU B 157 1.54 -0.08 -13.88
N ALA B 158 2.18 0.99 -14.35
CA ALA B 158 2.65 2.03 -13.45
C ALA B 158 1.69 3.20 -13.34
N TRP B 159 0.81 3.40 -14.33
CA TRP B 159 -0.07 4.56 -14.33
C TRP B 159 -1.55 4.26 -14.22
N LEU B 160 -1.97 3.01 -14.38
CA LEU B 160 -3.39 2.66 -14.28
C LEU B 160 -3.71 2.37 -12.83
N TYR B 161 -4.69 3.11 -12.26
CA TYR B 161 -5.14 2.75 -10.92
C TYR B 161 -6.13 1.58 -11.00
N PRO B 162 -6.18 0.71 -9.98
CA PRO B 162 -7.11 -0.44 -10.01
C PRO B 162 -8.56 -0.06 -9.70
N LEU B 163 -9.06 0.95 -10.42
CA LEU B 163 -10.45 1.39 -10.39
C LEU B 163 -11.21 0.72 -11.52
N PRO B 164 -12.53 0.89 -11.57
CA PRO B 164 -13.28 0.47 -12.77
C PRO B 164 -12.62 1.08 -14.00
N TRP B 165 -12.37 0.23 -14.99
CA TRP B 165 -11.75 0.65 -16.25
C TRP B 165 -12.26 2.00 -16.74
N ARG B 166 -13.57 2.23 -16.67
CA ARG B 166 -14.12 3.42 -17.29
C ARG B 166 -13.55 4.70 -16.70
N TYR B 167 -13.01 4.67 -15.47
CA TYR B 167 -12.52 5.94 -14.92
C TYR B 167 -11.27 6.40 -15.66
N TYR B 168 -10.48 5.48 -16.22
CA TYR B 168 -9.41 5.91 -17.11
C TYR B 168 -9.93 6.20 -18.52
N ALA B 169 -10.67 5.24 -19.10
CA ALA B 169 -11.04 5.29 -20.50
C ALA B 169 -12.01 6.43 -20.83
N GLU B 170 -12.86 6.82 -19.87
CA GLU B 170 -13.85 7.86 -20.13
C GLU B 170 -13.56 9.18 -19.42
N LEU B 171 -12.87 9.17 -18.26
CA LEU B 171 -12.62 10.41 -17.54
C LEU B 171 -11.14 10.75 -17.43
N GLY B 172 -10.26 9.91 -17.97
CA GLY B 172 -8.84 10.23 -18.01
C GLY B 172 -8.12 10.17 -16.68
N ILE B 173 -8.67 9.47 -15.70
CA ILE B 173 -7.99 9.35 -14.42
C ILE B 173 -6.89 8.30 -14.54
N ARG B 174 -5.66 8.72 -14.28
CA ARG B 174 -4.46 7.88 -14.31
C ARG B 174 -3.36 8.64 -13.60
N ARG B 175 -2.27 7.94 -13.30
CA ARG B 175 -1.08 8.63 -12.82
C ARG B 175 -0.45 9.45 -13.94
N TYR B 176 -0.16 10.73 -13.67
CA TYR B 176 0.70 11.51 -14.57
C TYR B 176 2.08 11.77 -13.99
N GLY B 177 2.17 12.20 -12.73
CA GLY B 177 3.46 12.53 -12.17
C GLY B 177 3.87 13.95 -12.53
N PHE B 178 4.68 14.59 -11.68
CA PHE B 178 5.11 15.97 -11.92
C PHE B 178 6.58 16.08 -11.51
N HIS B 179 7.09 17.32 -11.44
CA HIS B 179 8.54 17.54 -11.28
C HIS B 179 9.33 16.94 -12.42
N GLY B 180 8.69 16.73 -13.57
CA GLY B 180 9.36 16.03 -14.65
C GLY B 180 10.60 16.74 -15.11
N THR B 181 10.52 18.06 -15.25
CA THR B 181 11.69 18.82 -15.67
C THR B 181 12.84 18.66 -14.67
N SER B 182 12.55 18.76 -13.38
CA SER B 182 13.58 18.55 -12.36
C SER B 182 14.22 17.16 -12.45
N HIS B 183 13.41 16.11 -12.40
CA HIS B 183 13.95 14.75 -12.45
C HIS B 183 14.79 14.53 -13.71
N HIS B 184 14.29 15.02 -14.85
CA HIS B 184 15.02 14.91 -16.11
C HIS B 184 16.37 15.61 -16.02
N TYR B 185 16.36 16.87 -15.57
CA TYR B 185 17.61 17.64 -15.46
C TYR B 185 18.62 16.95 -14.54
N VAL B 186 18.20 16.55 -13.33
CA VAL B 186 19.20 16.06 -12.38
C VAL B 186 19.72 14.69 -12.79
N SER B 187 18.89 13.89 -13.44
CA SER B 187 19.37 12.56 -13.82
C SER B 187 20.38 12.66 -14.95
N SER B 188 20.09 13.50 -15.94
CA SER B 188 21.08 13.79 -16.99
C SER B 188 22.36 14.38 -16.41
N ALA B 189 22.24 15.27 -15.42
CA ALA B 189 23.44 15.83 -14.82
C ALA B 189 24.26 14.74 -14.11
N LEU B 190 23.58 13.83 -13.43
CA LEU B 190 24.31 12.73 -12.78
C LEU B 190 25.12 11.94 -13.80
N ALA B 191 24.48 11.55 -14.91
CA ALA B 191 25.16 10.75 -15.92
C ALA B 191 26.36 11.49 -16.48
N GLU B 192 26.21 12.78 -16.76
CA GLU B 192 27.30 13.61 -17.26
C GLU B 192 28.48 13.65 -16.28
N LYS B 193 28.19 13.81 -14.98
CA LYS B 193 29.24 13.81 -13.98
C LYS B 193 29.95 12.45 -13.89
N LEU B 194 29.22 11.34 -14.07
CA LEU B 194 29.86 10.03 -14.06
C LEU B 194 30.51 9.65 -15.40
N GLY B 195 30.26 10.41 -16.47
CA GLY B 195 30.84 10.12 -17.79
C GLY B 195 30.26 8.91 -18.50
N VAL B 196 29.03 8.52 -18.20
CA VAL B 196 28.39 7.37 -18.86
C VAL B 196 27.05 7.81 -19.44
N PRO B 197 26.52 7.04 -20.39
CA PRO B 197 25.12 7.26 -20.82
C PRO B 197 24.16 7.13 -19.64
N LEU B 198 23.15 8.00 -19.61
CA LEU B 198 22.15 7.83 -18.55
C LEU B 198 21.45 6.47 -18.66
N SER B 199 21.27 5.96 -19.89
CA SER B 199 20.62 4.66 -20.04
C SER B 199 21.45 3.53 -19.46
N ALA B 200 22.70 3.78 -19.09
CA ALA B 200 23.54 2.76 -18.44
C ALA B 200 23.21 2.57 -16.97
N LEU B 201 22.36 3.41 -16.38
CA LEU B 201 22.17 3.45 -14.93
C LEU B 201 20.74 3.15 -14.53
N ARG B 202 20.58 2.56 -13.35
CA ARG B 202 19.29 2.46 -12.68
C ARG B 202 19.29 3.56 -11.61
N VAL B 203 18.43 4.56 -11.75
CA VAL B 203 18.51 5.77 -10.93
C VAL B 203 17.21 5.98 -10.18
N VAL B 204 17.29 6.34 -8.90
CA VAL B 204 16.15 6.86 -8.15
C VAL B 204 16.41 8.32 -7.84
N SER B 205 15.51 9.19 -8.26
CA SER B 205 15.66 10.63 -8.06
C SER B 205 14.61 11.13 -7.07
N CYS B 206 15.07 11.87 -6.04
CA CYS B 206 14.27 12.39 -4.93
C CYS B 206 14.22 13.91 -5.03
N HIS B 207 13.11 14.47 -5.49
CA HIS B 207 12.96 15.93 -5.48
C HIS B 207 12.25 16.27 -4.18
N LEU B 208 12.97 16.81 -3.20
CA LEU B 208 12.43 17.05 -1.87
C LEU B 208 12.46 18.55 -1.57
N GLY B 209 11.29 19.18 -1.65
CA GLY B 209 11.14 20.61 -1.38
C GLY B 209 9.81 20.81 -0.66
N ASN B 210 9.12 21.92 -0.88
CA ASN B 210 7.76 22.05 -0.35
C ASN B 210 6.85 21.01 -0.98
N GLY B 211 7.03 20.77 -2.29
CA GLY B 211 6.47 19.59 -2.94
C GLY B 211 7.56 18.54 -3.03
N CYS B 212 7.16 17.27 -2.97
CA CYS B 212 8.12 16.18 -2.87
C CYS B 212 7.72 15.06 -3.80
N SER B 213 8.71 14.45 -4.45
CA SER B 213 8.40 13.34 -5.33
C SER B 213 9.66 12.55 -5.62
N VAL B 214 9.47 11.27 -5.91
CA VAL B 214 10.52 10.34 -6.26
C VAL B 214 10.23 9.84 -7.67
N CYS B 215 11.30 9.53 -8.41
CA CYS B 215 11.18 9.10 -9.79
C CYS B 215 12.22 8.02 -10.05
N ALA B 216 11.82 6.96 -10.74
CA ALA B 216 12.72 5.87 -11.10
C ALA B 216 13.02 5.99 -12.59
N ILE B 217 14.31 6.08 -12.93
CA ILE B 217 14.74 6.26 -14.31
C ILE B 217 15.62 5.07 -14.68
N LYS B 218 15.17 4.31 -15.67
CA LYS B 218 15.90 3.12 -16.11
C LYS B 218 15.92 3.13 -17.63
N GLY B 219 17.07 2.78 -18.20
CA GLY B 219 17.24 2.96 -19.63
C GLY B 219 17.05 4.39 -20.09
N GLY B 220 17.32 5.38 -19.23
CA GLY B 220 17.17 6.77 -19.67
C GLY B 220 15.74 7.27 -19.71
N GLN B 221 14.77 6.47 -19.26
CA GLN B 221 13.35 6.81 -19.28
C GLN B 221 12.76 6.72 -17.87
N SER B 222 11.86 7.65 -17.55
CA SER B 222 11.10 7.51 -16.31
C SER B 222 10.22 6.26 -16.39
N VAL B 223 10.35 5.37 -15.42
CA VAL B 223 9.55 4.15 -15.36
C VAL B 223 8.58 4.15 -14.17
N ASN B 224 8.73 5.07 -13.22
CA ASN B 224 7.69 5.29 -12.21
C ASN B 224 7.93 6.63 -11.52
N THR B 225 6.88 7.14 -10.89
CA THR B 225 7.03 8.37 -10.13
C THR B 225 5.87 8.47 -9.14
N SER B 226 6.11 9.20 -8.05
CA SER B 226 5.30 9.03 -6.86
C SER B 226 4.08 9.94 -6.84
N MET B 227 4.13 11.11 -7.48
CA MET B 227 2.91 11.87 -7.64
C MET B 227 2.00 11.19 -8.65
N GLY B 228 0.70 11.36 -8.48
CA GLY B 228 -0.26 10.60 -9.23
C GLY B 228 -1.08 11.41 -10.21
N PHE B 229 -2.40 11.34 -10.02
CA PHE B 229 -3.35 12.12 -10.81
C PHE B 229 -3.15 13.62 -10.63
N THR B 230 -2.84 14.05 -9.41
CA THR B 230 -2.51 15.45 -9.11
C THR B 230 -1.25 15.47 -8.27
N PRO B 231 -0.66 16.66 -8.06
CA PRO B 231 0.56 16.75 -7.24
C PRO B 231 0.34 16.54 -5.75
N GLN B 232 -0.87 16.16 -5.33
CA GLN B 232 -1.19 15.98 -3.92
C GLN B 232 -0.58 14.70 -3.33
N SER B 233 -0.32 13.69 -4.16
CA SER B 233 -0.20 12.32 -3.67
C SER B 233 1.26 11.84 -3.73
N GLY B 234 1.45 10.60 -3.27
CA GLY B 234 2.77 9.98 -3.16
C GLY B 234 3.33 10.08 -1.75
N VAL B 235 4.47 10.77 -1.58
CA VAL B 235 5.12 10.86 -0.28
C VAL B 235 4.59 12.07 0.50
N MET B 236 5.01 12.18 1.76
CA MET B 236 4.62 13.27 2.63
C MET B 236 5.41 14.54 2.30
N MET B 237 4.73 15.69 2.32
CA MET B 237 5.35 16.94 1.89
C MET B 237 5.16 18.02 2.95
N GLY B 238 5.33 19.29 2.54
CA GLY B 238 5.20 20.43 3.44
C GLY B 238 3.82 20.49 4.07
N THR B 239 2.80 20.56 3.22
CA THR B 239 1.41 20.62 3.67
C THR B 239 0.53 19.53 3.06
N ARG B 240 1.04 18.76 2.11
CA ARG B 240 0.28 17.71 1.45
C ARG B 240 0.56 16.37 2.11
N SER B 241 -0.51 15.58 2.29
CA SER B 241 -0.43 14.30 3.00
C SER B 241 0.31 13.24 2.19
N GLY B 242 0.26 13.33 0.88
CA GLY B 242 0.63 12.19 0.06
C GLY B 242 -0.43 11.12 0.13
N ASP B 243 -0.03 9.92 -0.23
CA ASP B 243 -0.94 8.77 -0.18
C ASP B 243 -1.40 8.46 1.24
N ILE B 244 -2.67 8.14 1.37
CA ILE B 244 -3.27 7.66 2.60
C ILE B 244 -4.34 6.64 2.24
N ASP B 245 -4.74 5.82 3.20
CA ASP B 245 -5.80 4.85 2.98
C ASP B 245 -7.00 5.57 2.37
N PRO B 246 -7.39 5.22 1.15
CA PRO B 246 -8.51 5.96 0.50
C PRO B 246 -9.81 5.86 1.28
N SER B 247 -10.00 4.80 2.08
CA SER B 247 -11.19 4.60 2.90
C SER B 247 -11.37 5.65 3.97
N ILE B 248 -10.32 6.43 4.28
CA ILE B 248 -10.46 7.51 5.24
C ILE B 248 -11.43 8.57 4.73
N LEU B 249 -11.39 8.84 3.42
CA LEU B 249 -12.17 9.96 2.88
C LEU B 249 -13.67 9.73 3.01
N PRO B 250 -14.25 8.67 2.44
CA PRO B 250 -15.70 8.42 2.68
C PRO B 250 -16.06 8.44 4.16
N TRP B 251 -15.18 7.90 5.01
CA TRP B 251 -15.41 7.93 6.45
C TRP B 251 -15.48 9.37 6.97
N LEU B 252 -14.57 10.25 6.53
CA LEU B 252 -14.61 11.64 6.98
C LEU B 252 -15.87 12.34 6.51
N VAL B 253 -16.35 12.02 5.30
CA VAL B 253 -17.61 12.60 4.84
C VAL B 253 -18.75 12.13 5.73
N GLU B 254 -18.82 10.82 6.00
CA GLU B 254 -19.91 10.28 6.79
C GLU B 254 -19.89 10.79 8.22
N LYS B 255 -18.72 10.97 8.82
CA LYS B 255 -18.64 11.23 10.25
C LYS B 255 -18.35 12.68 10.59
N GLU B 256 -17.92 13.49 9.62
CA GLU B 256 -17.78 14.92 9.86
C GLU B 256 -18.37 15.78 8.75
N GLY B 257 -19.14 15.18 7.84
CA GLY B 257 -19.84 15.96 6.84
C GLY B 257 -18.95 16.74 5.93
N LYS B 258 -17.70 16.32 5.76
CA LYS B 258 -16.75 17.04 4.94
C LYS B 258 -17.27 17.19 3.50
N SER B 259 -17.12 18.40 2.95
CA SER B 259 -17.40 18.69 1.55
C SER B 259 -16.23 18.26 0.66
N ALA B 260 -16.51 18.15 -0.65
CA ALA B 260 -15.46 17.76 -1.58
C ALA B 260 -14.27 18.72 -1.51
N GLN B 261 -14.55 20.02 -1.39
CA GLN B 261 -13.47 21.00 -1.29
C GLN B 261 -12.79 20.94 0.06
N GLN B 262 -13.54 20.68 1.14
CA GLN B 262 -12.91 20.51 2.44
C GLN B 262 -11.93 19.34 2.43
N LEU B 263 -12.31 18.23 1.80
CA LEU B 263 -11.37 17.12 1.64
C LEU B 263 -10.09 17.59 0.96
N SER B 264 -10.22 18.39 -0.10
CA SER B 264 -9.07 18.81 -0.89
C SER B 264 -8.13 19.67 -0.05
N GLN B 265 -8.66 20.65 0.68
CA GLN B 265 -7.77 21.48 1.49
C GLN B 265 -7.21 20.70 2.67
N LEU B 266 -7.95 19.71 3.17
CA LEU B 266 -7.35 18.79 4.13
C LEU B 266 -6.10 18.15 3.55
N LEU B 267 -6.25 17.45 2.41
CA LEU B 267 -5.14 16.72 1.81
C LEU B 267 -4.04 17.61 1.28
N ASN B 268 -4.33 18.87 0.97
CA ASN B 268 -3.39 19.73 0.26
C ASN B 268 -2.81 20.84 1.10
N ASN B 269 -3.56 21.36 2.08
CA ASN B 269 -3.21 22.55 2.82
C ASN B 269 -2.94 22.34 4.31
N GLU B 270 -3.49 21.29 4.92
CA GLU B 270 -3.45 21.13 6.36
C GLU B 270 -2.55 19.96 6.81
N SER B 271 -2.07 19.14 5.89
CA SER B 271 -1.40 17.92 6.33
C SER B 271 0.11 18.00 6.23
N GLY B 272 0.76 16.86 6.01
CA GLY B 272 2.19 16.84 5.84
C GLY B 272 2.94 17.24 7.10
N LEU B 273 4.13 17.81 6.87
CA LEU B 273 4.94 18.32 7.97
C LEU B 273 4.13 19.26 8.84
N LEU B 274 3.38 20.16 8.21
CA LEU B 274 2.50 21.07 8.94
C LEU B 274 1.55 20.31 9.86
N GLY B 275 0.79 19.38 9.29
CA GLY B 275 -0.26 18.73 10.06
C GLY B 275 0.26 17.88 11.19
N VAL B 276 1.30 17.09 10.93
CA VAL B 276 1.81 16.19 11.96
C VAL B 276 2.52 17.00 13.05
N SER B 277 3.41 17.90 12.67
CA SER B 277 4.19 18.64 13.65
C SER B 277 3.36 19.67 14.39
N GLY B 278 2.41 20.31 13.71
CA GLY B 278 1.69 21.42 14.30
C GLY B 278 2.56 22.63 14.53
N VAL B 279 3.74 22.66 13.91
CA VAL B 279 4.68 23.77 14.05
C VAL B 279 4.81 24.56 12.75
N SER B 280 5.14 23.88 11.65
CA SER B 280 5.54 24.57 10.44
C SER B 280 5.40 23.64 9.24
N SER B 281 5.23 24.24 8.06
CA SER B 281 5.40 23.52 6.82
C SER B 281 6.85 23.46 6.38
N ASP B 282 7.74 24.25 7.00
CA ASP B 282 9.14 24.36 6.60
C ASP B 282 9.99 23.35 7.38
N TYR B 283 10.73 22.51 6.65
CA TYR B 283 11.56 21.48 7.26
C TYR B 283 12.45 22.05 8.35
N ARG B 284 13.16 23.15 8.05
CA ARG B 284 14.06 23.77 9.03
C ARG B 284 13.32 24.11 10.33
N ASP B 285 12.14 24.73 10.22
CA ASP B 285 11.37 25.06 11.41
C ASP B 285 11.02 23.79 12.19
N VAL B 286 10.48 22.77 11.50
CA VAL B 286 10.19 21.51 12.18
C VAL B 286 11.46 20.96 12.84
N GLU B 287 12.59 21.04 12.13
CA GLU B 287 13.84 20.54 12.67
C GLU B 287 14.20 21.22 13.99
N GLN B 288 14.13 22.55 14.04
CA GLN B 288 14.49 23.25 15.27
C GLN B 288 13.59 22.82 16.42
N ALA B 289 12.29 22.71 16.17
CA ALA B 289 11.36 22.35 17.24
C ALA B 289 11.60 20.92 17.73
N ALA B 290 12.11 20.04 16.88
CA ALA B 290 12.37 18.68 17.35
C ALA B 290 13.60 18.61 18.22
N ASP B 291 14.64 19.40 17.92
CA ASP B 291 15.84 19.42 18.75
C ASP B 291 15.63 20.11 20.09
N ALA B 292 14.54 20.85 20.26
CA ALA B 292 14.20 21.43 21.55
C ALA B 292 13.25 20.54 22.35
N GLY B 293 12.86 19.40 21.82
CA GLY B 293 12.08 18.42 22.55
C GLY B 293 10.63 18.28 22.15
N ASN B 294 10.18 19.01 21.12
CA ASN B 294 8.84 18.81 20.62
C ASN B 294 8.75 17.42 20.00
N GLU B 295 7.81 16.61 20.47
CA GLU B 295 7.75 15.22 20.06
C GLU B 295 6.93 15.02 18.78
N ARG B 296 5.91 15.85 18.54
CA ARG B 296 5.21 15.80 17.26
C ARG B 296 6.15 16.19 16.12
N ALA B 297 7.04 17.14 16.38
CA ALA B 297 8.01 17.57 15.38
C ALA B 297 8.96 16.44 15.04
N ALA B 298 9.52 15.78 16.07
CA ALA B 298 10.42 14.66 15.84
C ALA B 298 9.75 13.58 15.01
N LEU B 299 8.49 13.28 15.34
CA LEU B 299 7.74 12.22 14.67
C LEU B 299 7.45 12.59 13.21
N ALA B 300 7.13 13.86 12.97
CA ALA B 300 6.95 14.34 11.59
C ALA B 300 8.19 14.08 10.73
N LEU B 301 9.40 14.26 11.29
CA LEU B 301 10.61 14.09 10.49
C LEU B 301 10.89 12.62 10.23
N SER B 302 10.53 11.75 11.17
CA SER B 302 10.70 10.32 10.95
C SER B 302 9.73 9.81 9.89
N LEU B 303 8.46 10.20 10.01
CA LEU B 303 7.46 9.80 9.04
C LEU B 303 7.85 10.28 7.65
N PHE B 304 8.23 11.56 7.54
CA PHE B 304 8.74 12.11 6.29
C PHE B 304 9.77 11.18 5.67
N ALA B 305 10.75 10.75 6.47
CA ALA B 305 11.81 9.89 5.94
C ALA B 305 11.28 8.52 5.56
N GLU B 306 10.43 7.92 6.42
CA GLU B 306 9.88 6.60 6.13
C GLU B 306 9.09 6.56 4.82
N ARG B 307 8.28 7.60 4.56
CA ARG B 307 7.49 7.62 3.32
C ARG B 307 8.40 7.60 2.09
N ILE B 308 9.48 8.38 2.13
CA ILE B 308 10.44 8.41 1.03
C ILE B 308 11.16 7.06 0.91
N ARG B 309 11.57 6.48 2.04
CA ARG B 309 12.24 5.17 1.99
C ARG B 309 11.31 4.09 1.41
N ALA B 310 10.06 4.04 1.87
CA ALA B 310 9.14 3.04 1.33
C ALA B 310 8.99 3.18 -0.19
N THR B 311 9.01 4.41 -0.70
CA THR B 311 8.86 4.62 -2.13
C THR B 311 10.13 4.24 -2.88
N ILE B 312 11.30 4.70 -2.41
CA ILE B 312 12.55 4.23 -2.99
C ILE B 312 12.57 2.70 -3.05
N GLY B 313 12.18 2.04 -1.96
CA GLY B 313 12.19 0.57 -1.98
C GLY B 313 11.35 -0.04 -3.09
N SER B 314 10.15 0.51 -3.31
CA SER B 314 9.29 0.04 -4.40
C SER B 314 10.01 0.13 -5.73
N TYR B 315 10.70 1.26 -5.97
CA TYR B 315 11.29 1.49 -7.29
C TYR B 315 12.55 0.67 -7.48
N ILE B 316 13.34 0.47 -6.42
CA ILE B 316 14.47 -0.45 -6.53
C ILE B 316 13.96 -1.83 -6.94
N MET B 317 12.89 -2.30 -6.29
CA MET B 317 12.31 -3.58 -6.64
C MET B 317 11.94 -3.62 -8.11
N GLN B 318 11.28 -2.55 -8.57
CA GLN B 318 10.78 -2.51 -9.95
C GLN B 318 11.93 -2.55 -10.95
N MET B 319 13.01 -1.83 -10.66
CA MET B 319 14.14 -1.76 -11.58
C MET B 319 15.08 -2.95 -11.44
N GLY B 320 14.91 -3.77 -10.40
CA GLY B 320 15.79 -4.91 -10.24
C GLY B 320 17.14 -4.56 -9.67
N GLY B 321 17.25 -3.39 -9.03
CA GLY B 321 18.47 -2.95 -8.39
C GLY B 321 18.58 -1.44 -8.52
N LEU B 322 19.76 -0.93 -8.19
CA LEU B 322 19.99 0.49 -8.05
C LEU B 322 21.46 0.79 -8.32
N ASP B 323 21.74 1.74 -9.21
CA ASP B 323 23.11 2.22 -9.41
C ASP B 323 23.38 3.56 -8.75
N ALA B 324 22.37 4.42 -8.62
CA ALA B 324 22.61 5.75 -8.07
C ALA B 324 21.33 6.31 -7.47
N LEU B 325 21.49 7.08 -6.41
CA LEU B 325 20.37 7.75 -5.76
C LEU B 325 20.67 9.24 -5.77
N ILE B 326 19.72 10.05 -6.20
CA ILE B 326 19.93 11.50 -6.32
C ILE B 326 19.00 12.23 -5.37
N PHE B 327 19.53 13.26 -4.71
CA PHE B 327 18.80 14.14 -3.82
C PHE B 327 18.82 15.54 -4.41
N THR B 328 17.65 16.17 -4.54
CA THR B 328 17.61 17.55 -5.03
C THR B 328 16.41 18.26 -4.40
N GLY B 329 16.17 19.49 -4.81
CA GLY B 329 15.20 20.34 -4.12
C GLY B 329 15.76 20.96 -2.85
N GLY B 330 14.96 21.85 -2.25
CA GLY B 330 15.42 22.63 -1.11
C GLY B 330 15.83 21.77 0.09
N ILE B 331 15.10 20.69 0.35
CA ILE B 331 15.47 19.77 1.42
C ILE B 331 16.60 18.85 0.98
N GLY B 332 16.47 18.22 -0.19
CA GLY B 332 17.47 17.24 -0.62
C GLY B 332 18.86 17.82 -0.82
N GLU B 333 18.94 19.05 -1.33
CA GLU B 333 20.24 19.67 -1.58
C GLU B 333 20.93 20.15 -0.31
N ASN B 334 20.21 20.39 0.78
CA ASN B 334 20.78 21.10 1.92
C ASN B 334 20.75 20.36 3.24
N SER B 335 19.91 19.33 3.40
CA SER B 335 19.68 18.73 4.72
C SER B 335 20.42 17.41 4.82
N ALA B 336 21.62 17.44 5.44
CA ALA B 336 22.35 16.20 5.70
C ALA B 336 21.55 15.26 6.58
N ARG B 337 20.84 15.83 7.57
CA ARG B 337 20.00 15.00 8.43
C ARG B 337 18.99 14.20 7.62
N ALA B 338 18.25 14.85 6.73
CA ALA B 338 17.23 14.14 5.96
C ALA B 338 17.86 13.05 5.12
N ARG B 339 19.01 13.36 4.50
CA ARG B 339 19.63 12.36 3.63
C ARG B 339 20.15 11.19 4.44
N ALA B 340 20.75 11.45 5.60
CA ALA B 340 21.27 10.37 6.43
C ALA B 340 20.15 9.46 6.92
N ALA B 341 19.03 10.04 7.35
CA ALA B 341 17.92 9.23 7.85
C ALA B 341 17.33 8.40 6.70
N ILE B 342 17.27 8.95 5.49
CA ILE B 342 16.72 8.20 4.35
C ILE B 342 17.63 7.04 3.97
N CYS B 343 18.95 7.23 4.08
CA CYS B 343 19.93 6.21 3.68
C CYS B 343 20.35 5.26 4.78
N ARG B 344 19.67 5.25 5.91
CA ARG B 344 20.05 4.40 7.04
C ARG B 344 19.88 2.92 6.72
N ASN B 345 20.86 2.12 7.11
CA ASN B 345 20.77 0.65 7.13
C ASN B 345 20.41 0.05 5.77
N LEU B 346 21.16 0.45 4.74
CA LEU B 346 20.92 -0.01 3.38
C LEU B 346 22.09 -0.83 2.85
N HIS B 347 22.87 -1.45 3.74
CA HIS B 347 24.01 -2.26 3.31
C HIS B 347 23.60 -3.41 2.40
N PHE B 348 22.37 -3.93 2.53
CA PHE B 348 21.97 -4.97 1.59
C PHE B 348 21.95 -4.47 0.15
N LEU B 349 21.99 -3.16 -0.07
CA LEU B 349 22.07 -2.61 -1.42
C LEU B 349 23.48 -2.18 -1.78
N GLY B 350 24.42 -2.24 -0.84
CA GLY B 350 25.71 -1.60 -1.05
C GLY B 350 25.64 -0.08 -0.95
N LEU B 351 24.71 0.44 -0.17
CA LEU B 351 24.51 1.88 -0.08
C LEU B 351 24.84 2.31 1.34
N ALA B 352 25.83 3.18 1.49
CA ALA B 352 26.17 3.78 2.77
C ALA B 352 26.75 5.16 2.51
N LEU B 353 26.55 6.06 3.46
CA LEU B 353 26.97 7.44 3.33
C LEU B 353 28.30 7.67 4.05
N ASP B 354 29.04 8.65 3.56
CA ASP B 354 30.25 9.12 4.22
C ASP B 354 29.91 10.37 5.02
N ASP B 355 30.12 10.31 6.33
CA ASP B 355 29.69 11.41 7.21
C ASP B 355 30.26 12.76 6.76
N GLU B 356 31.57 12.83 6.51
CA GLU B 356 32.20 14.10 6.17
C GLU B 356 31.63 14.69 4.87
N LYS B 357 31.49 13.87 3.83
CA LYS B 357 30.99 14.41 2.56
C LYS B 357 29.52 14.81 2.68
N ASN B 358 28.73 14.03 3.41
CA ASN B 358 27.31 14.38 3.56
C ASN B 358 27.17 15.70 4.31
N GLN B 359 28.05 15.93 5.29
CA GLN B 359 27.92 17.11 6.14
C GLN B 359 28.08 18.40 5.34
N ARG B 360 28.95 18.43 4.35
CA ARG B 360 29.08 19.61 3.52
C ARG B 360 28.33 19.50 2.19
N SER B 361 27.43 18.52 2.04
CA SER B 361 26.66 18.33 0.81
C SER B 361 27.56 18.32 -0.42
N ALA B 362 28.59 17.49 -0.37
CA ALA B 362 29.39 17.33 -1.58
C ALA B 362 28.55 16.68 -2.67
N THR B 363 29.02 16.80 -3.91
CA THR B 363 28.25 16.33 -5.05
C THR B 363 28.01 14.82 -4.96
N PHE B 364 28.99 14.07 -4.47
CA PHE B 364 28.84 12.64 -4.18
C PHE B 364 29.08 12.41 -2.69
N ILE B 365 28.19 11.67 -2.04
CA ILE B 365 28.32 11.53 -0.59
C ILE B 365 28.34 10.06 -0.15
N GLN B 366 28.37 9.11 -1.10
CA GLN B 366 28.45 7.72 -0.68
C GLN B 366 29.81 7.43 -0.04
N ALA B 367 29.86 6.43 0.84
CA ALA B 367 31.16 5.97 1.33
C ALA B 367 31.96 5.35 0.19
N ASP B 368 33.27 5.27 0.38
CA ASP B 368 34.12 4.84 -0.72
C ASP B 368 34.01 3.35 -0.97
N ASN B 369 33.65 2.56 0.04
CA ASN B 369 33.32 1.16 -0.21
C ASN B 369 31.94 0.97 -0.81
N ALA B 370 31.11 2.01 -0.87
CA ALA B 370 29.74 1.83 -1.30
C ALA B 370 29.70 1.46 -2.77
N LEU B 371 28.75 0.61 -3.13
CA LEU B 371 28.51 0.28 -4.52
C LEU B 371 27.56 1.27 -5.18
N VAL B 372 26.58 1.78 -4.45
CA VAL B 372 25.63 2.74 -5.03
C VAL B 372 26.22 4.14 -4.94
N LYS B 373 26.16 4.89 -6.04
CA LYS B 373 26.49 6.32 -5.97
C LYS B 373 25.33 7.09 -5.36
N VAL B 374 25.64 8.04 -4.48
CA VAL B 374 24.64 8.92 -3.89
C VAL B 374 25.09 10.36 -4.18
N ALA B 375 24.28 11.10 -4.95
CA ALA B 375 24.63 12.43 -5.41
C ALA B 375 23.67 13.47 -4.85
N VAL B 376 24.19 14.67 -4.66
CA VAL B 376 23.42 15.85 -4.28
C VAL B 376 23.59 16.82 -5.42
N ILE B 377 22.50 17.10 -6.16
CA ILE B 377 22.54 17.91 -7.37
C ILE B 377 21.51 19.01 -7.26
N ASN B 378 21.94 20.25 -7.47
CA ASN B 378 21.02 21.38 -7.39
C ASN B 378 20.18 21.42 -8.65
N THR B 379 18.86 21.37 -8.49
CA THR B 379 18.02 21.31 -9.67
C THR B 379 17.90 22.69 -10.30
N ASN B 380 17.81 22.71 -11.62
CA ASN B 380 17.92 23.92 -12.41
C ASN B 380 16.87 23.80 -13.53
N GLU B 381 15.60 23.98 -13.16
CA GLU B 381 14.53 23.80 -14.12
C GLU B 381 14.60 24.86 -15.23
N GLU B 382 14.96 26.09 -14.87
CA GLU B 382 15.08 27.16 -15.87
C GLU B 382 16.09 26.80 -16.95
N LEU B 383 17.28 26.32 -16.54
CA LEU B 383 18.29 25.95 -17.53
C LEU B 383 17.87 24.74 -18.34
N MET B 384 17.15 23.80 -17.73
CA MET B 384 16.63 22.68 -18.50
C MET B 384 15.62 23.16 -19.55
N ILE B 385 14.79 24.15 -19.19
CA ILE B 385 13.83 24.71 -20.14
C ILE B 385 14.56 25.36 -21.31
N ALA B 386 15.66 26.06 -21.02
CA ALA B 386 16.38 26.76 -22.08
C ALA B 386 16.95 25.77 -23.09
N ARG B 387 17.57 24.69 -22.60
CA ARG B 387 18.06 23.66 -23.49
C ARG B 387 16.95 23.05 -24.35
N ASP B 388 15.69 23.12 -23.90
CA ASP B 388 14.58 22.56 -24.68
C ASP B 388 14.18 23.49 -25.84
N VAL B 389 14.16 24.80 -25.62
CA VAL B 389 13.87 25.71 -26.73
C VAL B 389 15.05 25.76 -27.70
N MET B 390 16.27 25.68 -27.18
CA MET B 390 17.45 25.58 -28.03
C MET B 390 17.40 24.36 -28.93
N ARG B 391 16.80 23.28 -28.45
CA ARG B 391 16.77 22.04 -29.22
C ARG B 391 15.67 22.07 -30.28
N LEU B 392 14.50 22.62 -29.94
CA LEU B 392 13.34 22.55 -30.82
C LEU B 392 12.97 23.88 -31.47
N ALA B 393 13.72 24.96 -31.19
CA ALA B 393 13.47 26.27 -31.80
C ALA B 393 14.69 26.89 -32.43
N LEU B 394 15.90 26.48 -32.05
CA LEU B 394 17.13 26.90 -32.71
C LEU B 394 18.00 25.68 -33.00
N PRO B 395 17.47 24.70 -33.76
CA PRO B 395 18.29 23.57 -34.21
C PRO B 395 19.22 23.95 -35.37
PG ANP C . -9.59 -14.31 1.92
O1G ANP C . -9.26 -13.40 3.07
O2G ANP C . -9.84 -13.45 0.63
O3G ANP C . -8.38 -15.32 1.69
PB ANP C . -11.48 -16.26 1.09
O1B ANP C . -11.50 -17.64 1.66
O2B ANP C . -12.91 -15.85 0.62
N3B ANP C . -11.03 -15.15 2.28
PA ANP C . -9.43 -17.32 -0.55
O1A ANP C . -8.17 -17.26 0.24
O2A ANP C . -10.09 -18.71 -0.65
O3A ANP C . -10.49 -16.18 -0.12
O5' ANP C . -9.08 -16.81 -1.99
C5' ANP C . -9.86 -17.15 -3.15
C4' ANP C . -9.12 -16.62 -4.34
O4' ANP C . -8.13 -17.59 -4.75
C3' ANP C . -10.00 -16.37 -5.57
O3' ANP C . -9.47 -15.37 -6.44
C2' ANP C . -9.85 -17.67 -6.34
O2' ANP C . -10.04 -17.55 -7.74
C1' ANP C . -8.36 -17.92 -6.09
N9 ANP C . -7.94 -19.28 -6.35
C8 ANP C . -8.39 -20.44 -5.75
N7 ANP C . -7.84 -21.52 -6.22
C5 ANP C . -6.98 -21.07 -7.21
C6 ANP C . -6.11 -21.72 -8.10
N6 ANP C . -5.95 -23.05 -8.13
N1 ANP C . -5.40 -20.97 -8.96
C2 ANP C . -5.56 -19.64 -8.93
N3 ANP C . -6.34 -18.91 -8.14
C4 ANP C . -7.04 -19.69 -7.30
HNB1 ANP C . -11.69 -14.53 2.36
H5'1 ANP C . -9.95 -18.12 -3.21
H5'2 ANP C . -10.74 -16.74 -3.08
H4' ANP C . -8.65 -15.79 -4.13
H3' ANP C . -10.88 -16.17 -5.25
HO3' ANP C . -10.03 -15.22 -7.10
H2' ANP C . -10.42 -18.34 -5.96
HO2' ANP C . -9.44 -17.00 -8.09
H1' ANP C . -7.84 -17.33 -6.67
H8 ANP C . -9.05 -20.44 -5.05
HN61 ANP C . -6.39 -23.59 -7.52
HN62 ANP C . -5.41 -23.44 -8.76
H2 ANP C . -5.04 -19.14 -9.58
C1 EDO D . -10.28 -10.30 3.36
O1 EDO D . -11.24 -11.26 2.85
C2 EDO D . -10.95 -9.29 4.29
O2 EDO D . -9.98 -8.70 5.16
H11 EDO D . -9.49 -10.83 3.90
H12 EDO D . -9.82 -9.78 2.52
HO1 EDO D . -10.79 -11.89 2.27
H21 EDO D . -11.44 -8.52 3.70
H22 EDO D . -11.72 -9.79 4.88
HO2 EDO D . -10.41 -8.02 5.70
PG ANP E . 9.12 22.71 -4.89
O1G ANP E . 10.28 21.94 -5.44
O2G ANP E . 7.81 22.27 -5.65
O3G ANP E . 8.93 22.36 -3.35
PB ANP E . 9.85 25.30 -3.84
O1B ANP E . 8.67 25.99 -3.25
O2B ANP E . 10.91 26.38 -4.30
N3B ANP E . 9.30 24.39 -5.15
PA ANP E . 12.09 24.39 -2.46
O1A ANP E . 12.76 23.40 -3.35
O2A ANP E . 12.61 25.84 -2.58
O3A ANP E . 10.51 24.40 -2.72
O5' ANP E . 12.20 23.89 -0.98
C5' ANP E . 11.19 24.17 0.01
C4' ANP E . 11.71 23.63 1.29
O4' ANP E . 13.14 23.82 1.34
C3' ANP E . 11.22 24.30 2.57
O3' ANP E . 10.10 23.61 3.12
C2' ANP E . 12.42 24.14 3.53
O2' ANP E . 12.04 23.14 4.44
C1' ANP E . 13.53 23.57 2.65
N9 ANP E . 14.86 24.09 2.87
C8 ANP E . 15.50 25.14 2.24
N7 ANP E . 16.74 25.31 2.61
C5 ANP E . 16.96 24.29 3.53
C6 ANP E . 18.07 23.91 4.30
N6 ANP E . 19.25 24.53 4.28
N1 ANP E . 17.93 22.83 5.11
C2 ANP E . 16.77 22.19 5.14
N3 ANP E . 15.65 22.46 4.46
C4 ANP E . 15.81 23.53 3.67
HNB1 ANP E . 8.47 24.71 -5.35
H5'1 ANP E . 10.35 23.74 -0.22
H5'2 ANP E . 11.05 25.13 0.08
H4' ANP E . 11.52 22.66 1.36
H3' ANP E . 11.03 25.22 2.37
HO3' ANP E . 9.85 22.93 2.61
H2' ANP E . 12.73 24.99 3.88
HO2' ANP E . 11.77 22.45 3.95
H1' ANP E . 13.55 22.60 2.82
H8 ANP E . 15.08 25.69 1.59
HN61 ANP E . 19.92 24.16 4.79
HN62 ANP E . 19.45 25.25 3.75
H2 ANP E . 16.71 21.43 5.74
#